data_9LEQ
#
_entry.id   9LEQ
#
_cell.length_a   1.00
_cell.length_b   1.00
_cell.length_c   1.00
_cell.angle_alpha   90.00
_cell.angle_beta   90.00
_cell.angle_gamma   90.00
#
_symmetry.space_group_name_H-M   'P 1'
#
loop_
_entity.id
_entity.type
_entity.pdbx_description
1 polymer 'Flagellar protein'
2 polymer 'Motility protein PflB'
#
loop_
_entity_poly.entity_id
_entity_poly.type
_entity_poly.pdbx_seq_one_letter_code
_entity_poly.pdbx_strand_id
1 'polypeptide(L)'
;MAFELVLNTGRENNQAFAVLHASNDLEFTCQKFITEAKVHFECDIVGMVDNKLKDQSFSAFDLKFIQEAQKIKMIILPKI
QARMFDTSQNIYIDKELSSSSSHKSKAFTFIFTPELAPIKDYDGLDFNINFPHESLPYVGALDLNSDPV
;
A
2 'polypeptide(L)'
;LSNYNLGVSQMNENKFQEAFESFKKAIANGENQSVAAINAAVCALKLNDKEKFRYYIDLAQVYLPKEGKSKLYDYYLSLI
NYYKGYYPEALQMLQRTDMEPYSDVAKYLSAKIYAKMDFDSKAIQQLNSQGNFESSLSLGLLYARIGEYAKAKVALSTAM
KIERDFNQSLAALTLVDIKTGNYQDMLARLQNSYDNDKDRYKILDAYKIQVRLNKDLFNIAVAQNSFSKDLLKKQKDQFD
LLFYFAPYQVFDSKQAALYIKKANVTDFVDDSADAGVYLNTSKALSSTNVKIANIINYALNQKLRLANQEFQKLIKDYPE
HSILHYNLALTYAQMQNYELAYKHFSSSYHLNPKNYLAGAFAMFCAKLIDIDTTKLYNEILDNIAADSNFKANMQKSMLF
LVNNNYISMLPYLDETKKDTPLSLIFEAIVAKNNNLNNQVDVKIAKLRSELPEDILANILYFNSLNSNLNIKEYAQNAQI
HFKNLKLDYRSVFGGPNIAREFYVNLMHIAGLLNLERQKIKELINVSGAKDEGILQTLAYLDIFAQQYEEAYALYNSLID
DYGAKDTKTLFLAAVAAIGANNPNSAIALLQLSKLTDKNNKESKAALGMLYQEVKNYEAAISQYKTLPNNFKSEFFTFDI
NNN
;
B
#
# COMPACT_ATOMS: atom_id res chain seq x y z
N MET A 1 8.44 -36.51 -29.57
CA MET A 1 8.93 -35.50 -28.65
C MET A 1 8.06 -34.24 -28.68
N ALA A 2 7.19 -34.12 -27.69
CA ALA A 2 6.27 -32.99 -27.61
C ALA A 2 6.89 -31.77 -26.93
N PHE A 3 8.11 -31.89 -26.41
CA PHE A 3 8.76 -30.81 -25.69
C PHE A 3 9.98 -30.34 -26.48
N GLU A 4 10.12 -29.02 -26.62
CA GLU A 4 11.10 -28.43 -27.52
C GLU A 4 11.81 -27.26 -26.86
N LEU A 5 13.13 -27.20 -27.03
CA LEU A 5 13.94 -26.05 -26.68
C LEU A 5 14.53 -25.45 -27.94
N VAL A 6 14.50 -24.12 -28.03
CA VAL A 6 15.24 -23.41 -29.08
C VAL A 6 16.11 -22.36 -28.40
N LEU A 7 17.33 -22.17 -28.92
CA LEU A 7 18.29 -21.23 -28.37
C LEU A 7 18.68 -20.24 -29.46
N ASN A 8 18.62 -18.95 -29.15
CA ASN A 8 19.04 -17.92 -30.08
C ASN A 8 20.01 -16.99 -29.39
N THR A 9 21.18 -16.80 -30.00
CA THR A 9 22.23 -15.96 -29.44
C THR A 9 22.52 -14.80 -30.38
N GLY A 10 22.87 -13.67 -29.79
CA GLY A 10 23.15 -12.47 -30.56
C GLY A 10 23.92 -11.41 -29.78
N ARG A 11 24.14 -10.26 -30.41
CA ARG A 11 24.94 -9.19 -29.83
C ARG A 11 24.09 -7.94 -29.65
N GLU A 12 24.31 -7.26 -28.52
CA GLU A 12 23.70 -5.96 -28.25
C GLU A 12 24.78 -5.07 -27.68
N ASN A 13 24.97 -3.89 -28.29
CA ASN A 13 26.11 -3.04 -27.99
C ASN A 13 27.39 -3.84 -28.17
N ASN A 14 28.10 -4.08 -27.07
CA ASN A 14 29.17 -5.08 -27.03
C ASN A 14 28.90 -5.94 -25.80
N GLN A 15 28.01 -6.91 -25.96
CA GLN A 15 27.55 -7.76 -24.86
C GLN A 15 27.15 -9.11 -25.44
N ALA A 16 26.40 -9.88 -24.68
CA ALA A 16 25.83 -11.13 -25.13
C ALA A 16 24.33 -11.11 -24.93
N PHE A 17 23.61 -11.83 -25.80
CA PHE A 17 22.15 -11.85 -25.78
C PHE A 17 21.70 -13.28 -26.03
N ALA A 18 21.32 -13.98 -24.97
CA ALA A 18 20.89 -15.37 -25.08
C ALA A 18 19.40 -15.47 -24.77
N VAL A 19 18.65 -16.14 -25.63
CA VAL A 19 17.22 -16.34 -25.42
C VAL A 19 16.93 -17.82 -25.57
N LEU A 20 16.30 -18.41 -24.56
CA LEU A 20 15.93 -19.82 -24.57
C LEU A 20 14.42 -19.93 -24.52
N HIS A 21 13.83 -20.56 -25.53
CA HIS A 21 12.39 -20.78 -25.58
C HIS A 21 12.10 -22.25 -25.30
N ALA A 22 11.26 -22.51 -24.30
CA ALA A 22 10.84 -23.85 -23.94
C ALA A 22 9.35 -23.99 -24.17
N SER A 23 8.95 -25.05 -24.88
CA SER A 23 7.56 -25.25 -25.24
C SER A 23 7.17 -26.70 -25.04
N ASN A 24 5.90 -26.91 -24.71
CA ASN A 24 5.32 -28.24 -24.57
C ASN A 24 3.84 -28.16 -24.90
N ASP A 25 3.27 -29.31 -25.28
CA ASP A 25 1.84 -29.35 -25.60
C ASP A 25 0.98 -29.18 -24.35
N LEU A 26 1.43 -29.70 -23.23
CA LEU A 26 0.74 -29.56 -21.95
C LEU A 26 1.42 -28.50 -21.10
N GLU A 27 0.79 -28.18 -19.97
CA GLU A 27 1.31 -27.16 -19.07
C GLU A 27 2.34 -27.77 -18.13
N PHE A 28 3.47 -27.09 -17.99
CA PHE A 28 4.56 -27.52 -17.12
C PHE A 28 5.04 -26.33 -16.31
N THR A 29 5.93 -26.58 -15.36
CA THR A 29 6.27 -25.55 -14.38
C THR A 29 7.75 -25.19 -14.46
N CYS A 30 8.06 -23.94 -14.10
CA CYS A 30 9.44 -23.48 -13.98
C CYS A 30 9.51 -22.45 -12.86
N GLN A 31 10.57 -22.52 -12.06
CA GLN A 31 10.71 -21.68 -10.88
C GLN A 31 12.16 -21.21 -10.77
N LYS A 32 12.35 -20.22 -9.90
CA LYS A 32 13.56 -19.41 -9.84
C LYS A 32 14.26 -19.56 -8.48
N PHE A 33 14.49 -20.80 -8.04
CA PHE A 33 15.14 -21.04 -6.76
C PHE A 33 16.44 -20.28 -6.67
N ILE A 34 16.63 -19.57 -5.56
CA ILE A 34 17.71 -18.60 -5.42
C ILE A 34 18.93 -19.21 -4.74
N THR A 35 18.73 -20.11 -3.77
CA THR A 35 19.80 -20.64 -2.94
C THR A 35 20.58 -19.50 -2.30
N GLU A 36 21.88 -19.43 -2.54
CA GLU A 36 22.73 -18.37 -1.98
C GLU A 36 23.52 -17.73 -3.12
N ALA A 37 23.02 -16.59 -3.62
CA ALA A 37 23.67 -15.81 -4.66
C ALA A 37 23.93 -16.60 -5.93
N LYS A 38 23.22 -17.71 -6.12
CA LYS A 38 23.38 -18.55 -7.31
C LYS A 38 21.99 -19.03 -7.73
N VAL A 39 21.38 -18.32 -8.68
CA VAL A 39 20.05 -18.68 -9.14
C VAL A 39 20.12 -20.01 -9.89
N HIS A 40 19.21 -20.91 -9.55
CA HIS A 40 19.07 -22.21 -10.21
C HIS A 40 17.67 -22.29 -10.80
N PHE A 41 17.54 -22.15 -12.12
CA PHE A 41 16.24 -22.20 -12.77
C PHE A 41 15.81 -23.66 -12.90
N GLU A 42 14.77 -24.04 -12.17
CA GLU A 42 14.36 -25.44 -12.10
C GLU A 42 12.99 -25.62 -12.73
N CYS A 43 12.89 -26.53 -13.70
CA CYS A 43 11.66 -26.78 -14.42
C CYS A 43 11.22 -28.22 -14.19
N ASP A 44 9.91 -28.40 -13.99
CA ASP A 44 9.30 -29.71 -13.83
C ASP A 44 8.40 -29.98 -15.02
N ILE A 45 8.59 -31.14 -15.63
CA ILE A 45 7.90 -31.55 -16.85
C ILE A 45 7.43 -32.99 -16.67
N VAL A 46 6.22 -33.29 -17.16
CA VAL A 46 5.73 -34.67 -17.10
C VAL A 46 6.56 -35.55 -18.03
N GLY A 47 6.75 -35.11 -19.27
CA GLY A 47 7.75 -35.68 -20.15
C GLY A 47 7.35 -36.93 -20.91
N MET A 48 6.25 -37.58 -20.52
CA MET A 48 5.84 -38.87 -21.08
C MET A 48 7.01 -39.83 -20.93
N VAL A 49 7.50 -40.46 -22.00
CA VAL A 49 8.67 -41.32 -21.94
C VAL A 49 9.74 -40.75 -22.86
N ASP A 50 10.95 -40.60 -22.33
CA ASP A 50 12.06 -40.06 -23.11
C ASP A 50 13.29 -40.93 -22.92
N ASN A 51 14.15 -40.92 -23.93
CA ASN A 51 15.39 -41.69 -23.90
C ASN A 51 16.45 -40.92 -23.12
N LYS A 52 17.71 -41.37 -23.21
CA LYS A 52 18.82 -40.68 -22.56
C LYS A 52 19.07 -39.36 -23.28
N LEU A 53 18.91 -38.25 -22.56
CA LEU A 53 19.09 -36.92 -23.11
C LEU A 53 20.39 -36.35 -22.55
N LYS A 54 21.38 -36.19 -23.43
CA LYS A 54 22.67 -35.68 -23.00
C LYS A 54 22.57 -34.19 -22.63
N ASP A 55 23.47 -33.76 -21.76
CA ASP A 55 23.50 -32.40 -21.24
C ASP A 55 24.60 -31.63 -21.95
N GLN A 56 24.28 -30.42 -22.40
CA GLN A 56 25.22 -29.56 -23.11
C GLN A 56 25.62 -28.38 -22.25
N SER A 57 26.80 -27.86 -22.51
CA SER A 57 27.32 -26.67 -21.84
C SER A 57 27.38 -25.53 -22.84
N PHE A 58 26.83 -24.38 -22.47
CA PHE A 58 26.70 -23.24 -23.36
C PHE A 58 27.39 -22.03 -22.76
N SER A 59 27.49 -20.97 -23.56
CA SER A 59 28.28 -19.81 -23.19
C SER A 59 27.69 -19.09 -21.97
N ALA A 60 26.37 -18.91 -21.94
CA ALA A 60 25.74 -18.13 -20.89
C ALA A 60 25.02 -18.97 -19.85
N PHE A 61 24.75 -20.24 -20.11
CA PHE A 61 24.07 -21.07 -19.14
C PHE A 61 24.45 -22.53 -19.35
N ASP A 62 24.26 -23.32 -18.31
CA ASP A 62 24.53 -24.75 -18.31
C ASP A 62 23.24 -25.51 -18.06
N LEU A 63 23.08 -26.65 -18.73
CA LEU A 63 21.86 -27.43 -18.71
C LEU A 63 22.10 -28.78 -18.05
N LYS A 64 21.13 -29.24 -17.26
CA LYS A 64 21.16 -30.56 -16.64
C LYS A 64 19.77 -31.17 -16.71
N PHE A 65 19.72 -32.48 -16.92
CA PHE A 65 18.46 -33.22 -17.01
C PHE A 65 18.46 -34.32 -15.95
N ILE A 66 17.34 -34.46 -15.25
CA ILE A 66 17.14 -35.55 -14.31
C ILE A 66 15.88 -36.29 -14.71
N GLN A 67 15.99 -37.58 -14.96
CA GLN A 67 14.90 -38.40 -15.47
C GLN A 67 14.47 -39.39 -14.39
N GLU A 68 13.38 -39.10 -13.71
CA GLU A 68 12.78 -40.02 -12.76
C GLU A 68 11.73 -40.87 -13.49
N ALA A 69 10.91 -41.58 -12.74
CA ALA A 69 9.84 -42.38 -13.33
C ALA A 69 8.79 -41.45 -13.92
N GLN A 70 8.82 -41.28 -15.24
CA GLN A 70 7.85 -40.45 -15.96
C GLN A 70 7.87 -39.00 -15.48
N LYS A 71 9.03 -38.51 -15.07
CA LYS A 71 9.18 -37.12 -14.64
C LYS A 71 10.53 -36.60 -15.12
N ILE A 72 10.57 -35.35 -15.55
CA ILE A 72 11.80 -34.72 -16.03
C ILE A 72 12.01 -33.43 -15.26
N LYS A 73 13.21 -33.28 -14.71
CA LYS A 73 13.63 -32.08 -14.01
C LYS A 73 14.73 -31.41 -14.82
N MET A 74 14.44 -30.19 -15.29
CA MET A 74 15.43 -29.40 -16.07
C MET A 74 16.08 -28.38 -15.14
N ILE A 75 17.41 -28.39 -15.06
CA ILE A 75 18.17 -27.49 -14.20
C ILE A 75 19.00 -26.58 -15.09
N ILE A 76 18.85 -25.27 -14.92
CA ILE A 76 19.55 -24.28 -15.70
C ILE A 76 20.39 -23.44 -14.74
N LEU A 77 21.70 -23.44 -14.95
CA LEU A 77 22.61 -22.63 -14.17
C LEU A 77 23.12 -21.48 -15.03
N PRO A 78 22.69 -20.25 -14.78
CA PRO A 78 23.20 -19.13 -15.59
C PRO A 78 24.52 -18.59 -15.07
N LYS A 79 25.50 -18.45 -15.96
CA LYS A 79 26.76 -17.82 -15.59
C LYS A 79 26.65 -16.30 -15.54
N ILE A 80 25.59 -15.72 -16.10
CA ILE A 80 25.33 -14.29 -16.04
C ILE A 80 23.91 -14.10 -15.52
N GLN A 81 23.55 -12.85 -15.27
CA GLN A 81 22.21 -12.55 -14.77
C GLN A 81 21.15 -13.02 -15.77
N ALA A 82 20.07 -13.58 -15.24
CA ALA A 82 19.03 -14.19 -16.07
C ALA A 82 17.66 -13.80 -15.53
N ARG A 83 16.68 -13.83 -16.42
CA ARG A 83 15.30 -13.57 -16.03
C ARG A 83 14.36 -14.50 -16.79
N MET A 84 13.14 -14.60 -16.27
CA MET A 84 12.12 -15.52 -16.76
C MET A 84 10.89 -14.74 -17.22
N PHE A 85 10.21 -15.27 -18.23
CA PHE A 85 8.99 -14.65 -18.75
C PHE A 85 8.04 -15.73 -19.23
N ASP A 86 6.75 -15.46 -19.09
CA ASP A 86 5.69 -16.35 -19.55
C ASP A 86 5.07 -15.74 -20.80
N THR A 87 5.64 -16.07 -21.95
CA THR A 87 5.12 -15.60 -23.23
C THR A 87 4.20 -16.65 -23.85
N SER A 88 3.17 -17.02 -23.09
CA SER A 88 2.18 -17.98 -23.57
C SER A 88 1.04 -17.30 -24.32
N GLN A 89 0.64 -16.13 -23.87
CA GLN A 89 -0.43 -15.38 -24.53
C GLN A 89 0.03 -14.89 -25.88
N ASN A 90 -0.85 -14.98 -26.88
CA ASN A 90 -0.54 -14.51 -28.22
C ASN A 90 -0.80 -13.01 -28.28
N ILE A 91 0.27 -12.21 -28.27
CA ILE A 91 0.10 -10.76 -28.31
C ILE A 91 -0.44 -10.33 -29.67
N TYR A 92 -0.02 -11.00 -30.74
CA TYR A 92 -0.38 -10.60 -32.09
C TYR A 92 -1.85 -10.85 -32.42
N ILE A 93 -2.67 -11.34 -31.50
CA ILE A 93 -4.10 -11.47 -31.77
C ILE A 93 -4.86 -10.69 -30.70
N ASP A 94 -4.28 -10.60 -29.51
CA ASP A 94 -4.99 -10.10 -28.34
C ASP A 94 -4.75 -8.60 -28.15
N LYS A 95 -5.67 -7.97 -27.41
CA LYS A 95 -5.56 -6.57 -27.07
C LYS A 95 -5.43 -6.29 -25.58
N GLU A 96 -5.77 -7.26 -24.73
CA GLU A 96 -5.63 -7.13 -23.28
C GLU A 96 -4.39 -7.92 -22.87
N LEU A 97 -3.25 -7.23 -22.82
CA LEU A 97 -2.01 -7.88 -22.46
C LEU A 97 -1.99 -8.20 -20.97
N SER A 98 -1.94 -9.48 -20.64
CA SER A 98 -1.92 -9.93 -19.26
C SER A 98 -0.49 -9.87 -18.72
N SER A 99 -0.26 -10.46 -17.55
CA SER A 99 1.05 -10.43 -16.91
C SER A 99 1.90 -11.61 -17.36
N SER A 100 3.21 -11.37 -17.43
CA SER A 100 4.16 -12.40 -17.83
C SER A 100 4.81 -13.10 -16.65
N SER A 101 4.40 -12.79 -15.41
CA SER A 101 4.96 -13.41 -14.23
C SER A 101 4.01 -14.50 -13.74
N SER A 102 4.03 -15.63 -14.44
CA SER A 102 3.21 -16.78 -14.08
C SER A 102 4.09 -18.02 -14.01
N HIS A 103 3.71 -18.95 -13.13
CA HIS A 103 4.52 -20.12 -12.83
C HIS A 103 4.02 -21.38 -13.50
N LYS A 104 3.11 -21.27 -14.47
CA LYS A 104 2.57 -22.45 -15.13
C LYS A 104 1.98 -22.03 -16.47
N SER A 105 2.54 -22.54 -17.56
CA SER A 105 2.07 -22.21 -18.90
C SER A 105 2.65 -23.22 -19.88
N LYS A 106 2.32 -23.04 -21.15
CA LYS A 106 2.77 -23.91 -22.22
C LYS A 106 3.91 -23.31 -23.04
N ALA A 107 4.44 -22.16 -22.61
CA ALA A 107 5.59 -21.56 -23.30
C ALA A 107 6.30 -20.65 -22.32
N PHE A 108 7.62 -20.80 -22.22
CA PHE A 108 8.43 -19.99 -21.32
C PHE A 108 9.64 -19.46 -22.06
N THR A 109 10.07 -18.25 -21.69
CA THR A 109 11.22 -17.60 -22.30
C THR A 109 12.19 -17.19 -21.21
N PHE A 110 13.44 -17.63 -21.34
CA PHE A 110 14.50 -17.27 -20.42
C PHE A 110 15.48 -16.36 -21.13
N ILE A 111 15.78 -15.21 -20.53
CA ILE A 111 16.60 -14.18 -21.14
C ILE A 111 17.88 -14.03 -20.34
N PHE A 112 19.02 -14.03 -21.03
CA PHE A 112 20.33 -13.87 -20.43
C PHE A 112 21.04 -12.71 -21.09
N THR A 113 21.42 -11.72 -20.31
CA THR A 113 22.09 -10.51 -20.80
C THR A 113 22.88 -9.87 -19.67
N PRO A 114 24.16 -9.54 -19.89
CA PRO A 114 24.96 -8.99 -18.78
C PRO A 114 24.47 -7.65 -18.26
N GLU A 115 24.30 -6.67 -19.16
CA GLU A 115 23.91 -5.32 -18.76
C GLU A 115 22.38 -5.28 -18.62
N LEU A 116 21.90 -5.80 -17.50
CA LEU A 116 20.50 -5.80 -17.15
C LEU A 116 20.26 -4.80 -16.02
N ALA A 117 19.03 -4.74 -15.54
CA ALA A 117 18.65 -3.82 -14.47
C ALA A 117 17.91 -4.58 -13.38
N PRO A 118 18.03 -4.18 -12.09
CA PRO A 118 17.28 -4.82 -11.02
C PRO A 118 15.81 -4.36 -11.05
N ILE A 119 14.90 -5.25 -10.68
CA ILE A 119 13.48 -4.93 -10.66
C ILE A 119 13.22 -3.88 -9.60
N LYS A 120 12.64 -2.76 -10.02
CA LYS A 120 12.28 -1.70 -9.09
C LYS A 120 10.89 -1.92 -8.53
N ASP A 121 10.61 -1.28 -7.41
CA ASP A 121 9.31 -1.33 -6.75
C ASP A 121 8.57 -0.04 -7.04
N TYR A 122 7.43 -0.15 -7.72
CA TYR A 122 6.61 1.00 -8.09
C TYR A 122 5.27 0.88 -7.38
N ASP A 123 4.85 1.96 -6.72
CA ASP A 123 3.53 1.98 -6.09
C ASP A 123 2.49 2.31 -7.16
N GLY A 124 1.88 1.29 -7.73
CA GLY A 124 0.93 1.49 -8.81
C GLY A 124 -0.15 0.45 -8.85
N LEU A 125 -0.99 0.51 -9.88
CA LEU A 125 -2.11 -0.41 -10.03
C LEU A 125 -1.82 -1.36 -11.19
N ASP A 126 -1.92 -2.67 -10.92
CA ASP A 126 -1.55 -3.69 -11.89
C ASP A 126 -2.64 -3.82 -12.96
N PHE A 127 -2.73 -2.78 -13.79
CA PHE A 127 -3.68 -2.77 -14.89
C PHE A 127 -3.22 -3.69 -16.02
N ASN A 128 -4.19 -4.10 -16.84
CA ASN A 128 -3.91 -4.80 -18.09
C ASN A 128 -4.02 -3.77 -19.21
N ILE A 129 -2.88 -3.43 -19.82
CA ILE A 129 -2.88 -2.35 -20.81
C ILE A 129 -3.60 -2.82 -22.06
N ASN A 130 -4.48 -1.97 -22.58
CA ASN A 130 -5.26 -2.26 -23.77
C ASN A 130 -4.64 -1.57 -24.97
N PHE A 131 -4.23 -2.35 -25.96
CA PHE A 131 -3.72 -1.82 -27.22
C PHE A 131 -4.74 -2.09 -28.31
N PRO A 132 -5.56 -1.13 -28.69
CA PRO A 132 -6.68 -1.39 -29.60
C PRO A 132 -6.42 -1.14 -31.08
N HIS A 133 -5.24 -0.68 -31.48
CA HIS A 133 -5.06 -0.22 -32.86
C HIS A 133 -4.51 -1.31 -33.78
N GLU A 134 -3.31 -1.82 -33.47
CA GLU A 134 -2.65 -2.80 -34.32
C GLU A 134 -2.84 -4.18 -33.70
N SER A 135 -3.74 -4.97 -34.28
CA SER A 135 -4.00 -6.32 -33.80
C SER A 135 -3.29 -7.37 -34.65
N LEU A 136 -3.60 -7.42 -35.94
CA LEU A 136 -2.99 -8.34 -36.88
C LEU A 136 -2.16 -7.51 -37.86
N PRO A 137 -0.87 -7.33 -37.61
CA PRO A 137 -0.06 -6.53 -38.55
C PRO A 137 0.22 -7.28 -39.83
N TYR A 138 0.45 -6.51 -40.89
CA TYR A 138 0.84 -7.08 -42.18
C TYR A 138 1.69 -6.07 -42.92
N VAL A 139 2.20 -6.51 -44.06
CA VAL A 139 3.00 -5.65 -44.93
C VAL A 139 2.09 -5.01 -45.97
N GLY A 140 2.33 -3.73 -46.26
CA GLY A 140 1.56 -3.01 -47.24
C GLY A 140 2.01 -3.31 -48.66
N ALA A 141 1.61 -2.43 -49.57
CA ALA A 141 1.87 -2.64 -50.98
C ALA A 141 3.37 -2.59 -51.27
N LEU A 142 3.82 -3.48 -52.14
CA LEU A 142 5.23 -3.61 -52.48
C LEU A 142 5.38 -3.73 -53.99
N ASP A 143 6.64 -3.72 -54.43
CA ASP A 143 6.97 -3.90 -55.83
C ASP A 143 7.33 -5.37 -56.10
N LEU A 144 7.85 -5.64 -57.29
CA LEU A 144 8.32 -6.99 -57.60
C LEU A 144 9.47 -7.39 -56.70
N ASN A 145 10.20 -6.42 -56.17
CA ASN A 145 11.17 -6.62 -55.11
C ASN A 145 10.59 -6.10 -53.81
N SER A 146 11.05 -6.65 -52.70
CA SER A 146 10.52 -6.27 -51.39
C SER A 146 10.99 -4.87 -51.05
N ASP A 147 10.19 -3.87 -51.42
CA ASP A 147 10.46 -2.47 -51.10
C ASP A 147 9.20 -1.65 -51.32
N PRO A 148 8.90 -0.71 -50.41
CA PRO A 148 7.68 0.09 -50.57
C PRO A 148 7.74 0.98 -51.81
N VAL A 149 6.56 1.26 -52.36
CA VAL A 149 6.45 2.08 -53.55
C VAL A 149 7.05 3.46 -53.32
N LEU B 1 -1.13 -4.06 -59.06
CA LEU B 1 -1.50 -4.81 -60.26
C LEU B 1 -0.95 -6.23 -60.21
N SER B 2 0.19 -6.40 -59.54
CA SER B 2 0.79 -7.71 -59.42
C SER B 2 -0.09 -8.63 -58.58
N ASN B 3 0.22 -9.93 -58.66
CA ASN B 3 -0.59 -10.91 -57.94
C ASN B 3 -0.56 -10.65 -56.44
N TYR B 4 0.63 -10.37 -55.90
CA TYR B 4 0.72 -9.99 -54.49
C TYR B 4 0.03 -8.66 -54.25
N ASN B 5 0.22 -7.69 -55.14
CA ASN B 5 -0.43 -6.40 -54.97
C ASN B 5 -1.94 -6.53 -55.07
N LEU B 6 -2.42 -7.35 -56.01
CA LEU B 6 -3.86 -7.57 -56.11
C LEU B 6 -4.41 -8.23 -54.87
N GLY B 7 -3.69 -9.22 -54.33
CA GLY B 7 -4.14 -9.88 -53.12
C GLY B 7 -4.20 -8.95 -51.93
N VAL B 8 -3.16 -8.15 -51.74
CA VAL B 8 -3.15 -7.22 -50.61
C VAL B 8 -4.19 -6.12 -50.82
N SER B 9 -4.48 -5.77 -52.08
CA SER B 9 -5.48 -4.74 -52.33
C SER B 9 -6.89 -5.25 -52.07
N GLN B 10 -7.15 -6.54 -52.34
CA GLN B 10 -8.42 -7.09 -51.89
C GLN B 10 -8.44 -7.27 -50.38
N MET B 11 -7.27 -7.47 -49.77
CA MET B 11 -7.26 -7.94 -48.39
C MET B 11 -7.60 -6.82 -47.41
N ASN B 12 -7.33 -5.57 -47.74
CA ASN B 12 -7.74 -4.48 -46.84
C ASN B 12 -9.20 -4.10 -47.02
N GLU B 13 -9.90 -4.70 -47.99
CA GLU B 13 -11.33 -4.51 -48.14
C GLU B 13 -12.14 -5.50 -47.31
N ASN B 14 -11.54 -6.09 -46.28
CA ASN B 14 -12.20 -7.06 -45.40
C ASN B 14 -12.67 -8.29 -46.15
N LYS B 15 -12.04 -8.60 -47.29
CA LYS B 15 -12.28 -9.83 -48.03
C LYS B 15 -11.05 -10.71 -47.88
N PHE B 16 -11.20 -11.81 -47.15
CA PHE B 16 -10.06 -12.61 -46.72
C PHE B 16 -9.82 -13.84 -47.59
N GLN B 17 -10.87 -14.56 -48.00
CA GLN B 17 -10.67 -15.79 -48.74
C GLN B 17 -10.10 -15.52 -50.13
N GLU B 18 -10.66 -14.54 -50.84
CA GLU B 18 -10.17 -14.23 -52.17
C GLU B 18 -8.73 -13.73 -52.12
N ALA B 19 -8.42 -12.89 -51.12
CA ALA B 19 -7.05 -12.41 -50.96
C ALA B 19 -6.10 -13.57 -50.65
N PHE B 20 -6.53 -14.51 -49.82
CA PHE B 20 -5.70 -15.66 -49.50
C PHE B 20 -5.44 -16.50 -50.73
N GLU B 21 -6.46 -16.68 -51.58
CA GLU B 21 -6.27 -17.42 -52.83
C GLU B 21 -5.29 -16.69 -53.74
N SER B 22 -5.39 -15.37 -53.81
CA SER B 22 -4.44 -14.59 -54.60
C SER B 22 -3.03 -14.75 -54.06
N PHE B 23 -2.88 -14.78 -52.74
CA PHE B 23 -1.55 -14.96 -52.14
C PHE B 23 -1.00 -16.35 -52.47
N LYS B 24 -1.86 -17.37 -52.45
CA LYS B 24 -1.42 -18.70 -52.85
C LYS B 24 -0.94 -18.71 -54.29
N LYS B 25 -1.69 -18.04 -55.18
CA LYS B 25 -1.30 -17.96 -56.58
C LYS B 25 0.03 -17.23 -56.74
N ALA B 26 0.23 -16.16 -55.98
CA ALA B 26 1.48 -15.41 -56.06
C ALA B 26 2.65 -16.24 -55.57
N ILE B 27 2.46 -16.99 -54.48
CA ILE B 27 3.52 -17.86 -53.98
C ILE B 27 3.85 -18.94 -54.99
N ALA B 28 2.82 -19.52 -55.61
CA ALA B 28 3.07 -20.55 -56.62
C ALA B 28 3.81 -19.98 -57.82
N ASN B 29 3.44 -18.77 -58.25
CA ASN B 29 4.15 -18.14 -59.36
C ASN B 29 5.60 -17.84 -59.00
N GLY B 30 5.84 -17.40 -57.76
CA GLY B 30 7.19 -17.11 -57.33
C GLY B 30 7.52 -15.63 -57.32
N GLU B 31 6.60 -14.81 -56.83
CA GLU B 31 6.80 -13.36 -56.73
C GLU B 31 6.64 -12.94 -55.28
N ASN B 32 7.67 -12.31 -54.73
CA ASN B 32 7.67 -11.79 -53.36
C ASN B 32 7.29 -12.89 -52.36
N GLN B 33 8.13 -13.92 -52.33
CA GLN B 33 7.78 -15.13 -51.60
C GLN B 33 7.59 -14.86 -50.11
N SER B 34 8.54 -14.15 -49.49
CA SER B 34 8.50 -13.99 -48.04
C SER B 34 7.31 -13.14 -47.60
N VAL B 35 7.12 -11.97 -48.23
CA VAL B 35 6.04 -11.09 -47.82
C VAL B 35 4.69 -11.72 -48.16
N ALA B 36 4.62 -12.45 -49.28
CA ALA B 36 3.39 -13.17 -49.59
C ALA B 36 3.09 -14.23 -48.54
N ALA B 37 4.13 -14.90 -48.05
CA ALA B 37 3.91 -15.90 -47.01
C ALA B 37 3.40 -15.26 -45.73
N ILE B 38 3.97 -14.12 -45.34
CA ILE B 38 3.53 -13.46 -44.11
C ILE B 38 2.08 -13.01 -44.24
N ASN B 39 1.75 -12.39 -45.37
CA ASN B 39 0.38 -11.92 -45.57
C ASN B 39 -0.60 -13.08 -45.67
N ALA B 40 -0.20 -14.17 -46.30
CA ALA B 40 -1.06 -15.36 -46.35
C ALA B 40 -1.28 -15.92 -44.96
N ALA B 41 -0.24 -15.92 -44.12
CA ALA B 41 -0.40 -16.40 -42.75
C ALA B 41 -1.38 -15.53 -41.99
N VAL B 42 -1.27 -14.21 -42.13
CA VAL B 42 -2.19 -13.35 -41.39
C VAL B 42 -3.62 -13.50 -41.93
N CYS B 43 -3.77 -13.71 -43.23
CA CYS B 43 -5.09 -13.94 -43.80
C CYS B 43 -5.69 -15.23 -43.28
N ALA B 44 -4.87 -16.29 -43.21
CA ALA B 44 -5.35 -17.55 -42.65
C ALA B 44 -5.72 -17.40 -41.19
N LEU B 45 -5.01 -16.53 -40.46
CA LEU B 45 -5.37 -16.27 -39.07
C LEU B 45 -6.63 -15.43 -38.95
N LYS B 46 -6.99 -14.67 -39.98
CA LYS B 46 -8.26 -13.96 -39.95
C LYS B 46 -9.42 -14.92 -39.81
N LEU B 47 -9.41 -16.01 -40.57
CA LEU B 47 -10.31 -17.12 -40.33
C LEU B 47 -9.76 -18.00 -39.23
N ASN B 48 -10.55 -19.00 -38.82
CA ASN B 48 -10.19 -19.85 -37.69
C ASN B 48 -9.50 -21.10 -38.23
N ASP B 49 -8.17 -21.02 -38.40
CA ASP B 49 -7.39 -22.18 -38.81
C ASP B 49 -5.96 -21.96 -38.30
N LYS B 50 -5.62 -22.58 -37.18
CA LYS B 50 -4.30 -22.40 -36.60
C LYS B 50 -3.22 -23.22 -37.32
N GLU B 51 -3.58 -24.43 -37.78
CA GLU B 51 -2.60 -25.30 -38.41
C GLU B 51 -2.04 -24.67 -39.68
N LYS B 52 -2.91 -24.11 -40.51
CA LYS B 52 -2.45 -23.47 -41.74
C LYS B 52 -1.60 -22.24 -41.43
N PHE B 53 -1.97 -21.50 -40.37
CA PHE B 53 -1.16 -20.35 -39.96
C PHE B 53 0.24 -20.77 -39.57
N ARG B 54 0.35 -21.82 -38.76
CA ARG B 54 1.67 -22.30 -38.35
C ARG B 54 2.47 -22.79 -39.54
N TYR B 55 1.82 -23.53 -40.45
CA TYR B 55 2.50 -24.03 -41.64
C TYR B 55 3.06 -22.89 -42.48
N TYR B 56 2.24 -21.86 -42.72
CA TYR B 56 2.69 -20.77 -43.58
C TYR B 56 3.76 -19.92 -42.89
N ILE B 57 3.65 -19.71 -41.57
CA ILE B 57 4.69 -18.98 -40.86
C ILE B 57 6.01 -19.72 -40.92
N ASP B 58 5.97 -21.04 -40.73
CA ASP B 58 7.19 -21.83 -40.86
C ASP B 58 7.75 -21.76 -42.27
N LEU B 59 6.87 -21.79 -43.28
CA LEU B 59 7.31 -21.72 -44.66
C LEU B 59 7.93 -20.36 -45.00
N ALA B 60 7.50 -19.31 -44.30
CA ALA B 60 7.98 -17.97 -44.62
C ALA B 60 9.50 -17.84 -44.45
N GLN B 61 10.08 -18.58 -43.52
CA GLN B 61 11.50 -18.40 -43.23
C GLN B 61 12.39 -18.89 -44.34
N VAL B 62 12.03 -19.98 -45.01
CA VAL B 62 12.93 -20.59 -45.98
C VAL B 62 13.16 -19.71 -47.20
N TYR B 63 12.25 -18.80 -47.50
CA TYR B 63 12.47 -17.85 -48.60
C TYR B 63 13.08 -16.53 -48.13
N LEU B 64 13.29 -16.35 -46.84
CA LEU B 64 13.80 -15.07 -46.35
C LEU B 64 15.17 -14.70 -46.90
N PRO B 65 16.16 -15.59 -46.94
CA PRO B 65 17.46 -15.19 -47.50
C PRO B 65 17.40 -14.77 -48.95
N LYS B 66 16.38 -15.20 -49.69
CA LYS B 66 16.23 -14.76 -51.07
C LYS B 66 16.04 -13.24 -51.15
N GLU B 67 15.23 -12.69 -50.25
CA GLU B 67 15.04 -11.24 -50.16
C GLU B 67 16.01 -10.63 -49.16
N GLY B 68 17.31 -10.92 -49.33
CA GLY B 68 18.32 -10.42 -48.42
C GLY B 68 18.65 -8.96 -48.60
N LYS B 69 18.41 -8.41 -49.78
CA LYS B 69 18.68 -7.00 -50.07
C LYS B 69 17.34 -6.30 -50.18
N SER B 70 16.82 -5.86 -49.03
CA SER B 70 15.53 -5.19 -48.97
C SER B 70 15.53 -4.25 -47.78
N LYS B 71 15.15 -2.98 -48.02
CA LYS B 71 15.16 -1.99 -46.96
C LYS B 71 14.18 -2.30 -45.85
N LEU B 72 13.23 -3.20 -46.08
CA LEU B 72 12.30 -3.65 -45.05
C LEU B 72 12.68 -5.01 -44.48
N TYR B 73 13.95 -5.39 -44.57
CA TYR B 73 14.39 -6.68 -44.05
C TYR B 73 14.15 -6.78 -42.55
N ASP B 74 14.43 -5.70 -41.83
CA ASP B 74 14.25 -5.70 -40.39
C ASP B 74 12.79 -5.94 -40.03
N TYR B 75 11.88 -5.27 -40.73
CA TYR B 75 10.45 -5.43 -40.43
C TYR B 75 9.98 -6.85 -40.72
N TYR B 76 10.42 -7.43 -41.84
CA TYR B 76 10.02 -8.80 -42.16
C TYR B 76 10.51 -9.78 -41.11
N LEU B 77 11.78 -9.66 -40.71
CA LEU B 77 12.30 -10.54 -39.68
C LEU B 77 11.55 -10.36 -38.36
N SER B 78 11.25 -9.11 -38.00
CA SER B 78 10.57 -8.87 -36.74
C SER B 78 9.14 -9.43 -36.77
N LEU B 79 8.47 -9.35 -37.92
CA LEU B 79 7.13 -9.92 -38.03
C LEU B 79 7.18 -11.43 -37.95
N ILE B 80 8.16 -12.06 -38.61
CA ILE B 80 8.27 -13.51 -38.55
C ILE B 80 8.53 -13.97 -37.13
N ASN B 81 9.43 -13.29 -36.42
CA ASN B 81 9.67 -13.61 -35.02
C ASN B 81 8.48 -13.24 -34.14
N TYR B 82 7.62 -12.34 -34.61
CA TYR B 82 6.49 -11.87 -33.80
C TYR B 82 5.36 -12.89 -33.76
N TYR B 83 5.13 -13.60 -34.87
CA TYR B 83 4.07 -14.59 -34.93
C TYR B 83 4.49 -15.95 -34.38
N LYS B 84 5.78 -16.17 -34.17
CA LYS B 84 6.28 -17.44 -33.66
C LYS B 84 6.38 -17.47 -32.14
N GLY B 85 6.09 -16.36 -31.47
CA GLY B 85 6.26 -16.28 -30.04
C GLY B 85 7.63 -15.87 -29.57
N TYR B 86 8.57 -15.65 -30.49
CA TYR B 86 9.92 -15.22 -30.14
C TYR B 86 9.91 -13.70 -30.02
N TYR B 87 9.50 -13.23 -28.84
CA TYR B 87 9.24 -11.82 -28.62
C TYR B 87 10.50 -10.99 -28.37
N PRO B 88 11.42 -11.42 -27.48
CA PRO B 88 12.62 -10.59 -27.27
C PRO B 88 13.43 -10.38 -28.53
N GLU B 89 13.53 -11.40 -29.38
CA GLU B 89 14.22 -11.23 -30.66
C GLU B 89 13.54 -10.19 -31.52
N ALA B 90 12.20 -10.23 -31.57
CA ALA B 90 11.46 -9.27 -32.36
C ALA B 90 11.65 -7.85 -31.83
N LEU B 91 11.65 -7.69 -30.50
CA LEU B 91 11.86 -6.38 -29.91
C LEU B 91 13.26 -5.86 -30.24
N GLN B 92 14.26 -6.72 -30.15
CA GLN B 92 15.62 -6.30 -30.45
C GLN B 92 15.79 -5.96 -31.93
N MET B 93 15.04 -6.62 -32.79
CA MET B 93 15.20 -6.39 -34.22
C MET B 93 14.30 -5.29 -34.76
N LEU B 94 13.27 -4.88 -34.02
CA LEU B 94 12.33 -3.88 -34.48
C LEU B 94 12.87 -2.45 -34.42
N GLN B 95 13.91 -2.21 -33.63
CA GLN B 95 14.40 -0.85 -33.46
C GLN B 95 15.24 -0.36 -34.64
N ARG B 96 15.61 -1.25 -35.56
CA ARG B 96 16.40 -0.86 -36.71
C ARG B 96 15.55 -0.46 -37.92
N THR B 97 14.23 -0.50 -37.80
CA THR B 97 13.35 -0.19 -38.92
C THR B 97 13.05 1.31 -38.93
N ASP B 98 13.53 2.00 -39.96
CA ASP B 98 13.36 3.44 -40.06
C ASP B 98 12.62 3.82 -41.34
N MET B 99 11.83 2.91 -41.89
CA MET B 99 11.08 3.23 -43.09
C MET B 99 9.89 4.11 -42.73
N GLU B 100 9.34 4.79 -43.74
CA GLU B 100 8.39 5.88 -43.44
C GLU B 100 7.09 5.40 -42.84
N PRO B 101 6.29 4.54 -43.49
CA PRO B 101 4.97 4.21 -42.93
C PRO B 101 5.01 3.11 -41.88
N TYR B 102 6.14 2.46 -41.66
CA TYR B 102 6.22 1.33 -40.74
C TYR B 102 6.93 1.65 -39.43
N SER B 103 7.63 2.78 -39.35
CA SER B 103 8.34 3.10 -38.11
C SER B 103 7.37 3.24 -36.94
N ASP B 104 6.23 3.88 -37.17
CA ASP B 104 5.23 4.02 -36.13
C ASP B 104 4.66 2.67 -35.72
N VAL B 105 4.40 1.79 -36.69
CA VAL B 105 3.90 0.45 -36.37
C VAL B 105 4.95 -0.33 -35.60
N ALA B 106 6.22 -0.19 -35.99
CA ALA B 106 7.29 -0.86 -35.26
C ALA B 106 7.35 -0.37 -33.82
N LYS B 107 7.21 0.93 -33.61
CA LYS B 107 7.24 1.46 -32.25
C LYS B 107 6.04 1.00 -31.44
N TYR B 108 4.87 0.89 -32.08
CA TYR B 108 3.70 0.39 -31.37
C TYR B 108 3.88 -1.07 -30.95
N LEU B 109 4.42 -1.90 -31.84
CA LEU B 109 4.66 -3.29 -31.50
C LEU B 109 5.72 -3.40 -30.41
N SER B 110 6.74 -2.54 -30.45
CA SER B 110 7.74 -2.52 -29.40
C SER B 110 7.12 -2.13 -28.06
N ALA B 111 6.18 -1.19 -28.07
CA ALA B 111 5.47 -0.83 -26.85
C ALA B 111 4.68 -2.02 -26.31
N LYS B 112 4.01 -2.75 -27.20
CA LYS B 112 3.29 -3.94 -26.78
C LYS B 112 4.22 -4.95 -26.11
N ILE B 113 5.36 -5.21 -26.74
CA ILE B 113 6.31 -6.19 -26.20
C ILE B 113 6.85 -5.73 -24.86
N TYR B 114 7.24 -4.46 -24.75
CA TYR B 114 7.73 -3.93 -23.49
C TYR B 114 6.68 -4.05 -22.39
N ALA B 115 5.42 -3.77 -22.73
CA ALA B 115 4.35 -3.87 -21.75
C ALA B 115 4.15 -5.32 -21.30
N LYS B 116 4.31 -6.27 -22.21
CA LYS B 116 4.17 -7.67 -21.82
C LYS B 116 5.25 -8.09 -20.82
N MET B 117 6.49 -7.65 -21.04
CA MET B 117 7.62 -8.04 -20.22
C MET B 117 7.85 -7.11 -19.03
N ASP B 118 6.84 -6.32 -18.65
CA ASP B 118 6.88 -5.50 -17.44
C ASP B 118 8.01 -4.48 -17.47
N PHE B 119 8.19 -3.81 -18.60
CA PHE B 119 9.07 -2.65 -18.72
C PHE B 119 8.19 -1.47 -19.10
N ASP B 120 7.62 -0.82 -18.08
CA ASP B 120 6.61 0.20 -18.34
C ASP B 120 7.22 1.49 -18.86
N SER B 121 8.37 1.88 -18.32
CA SER B 121 8.98 3.15 -18.72
C SER B 121 9.36 3.14 -20.19
N LYS B 122 9.96 2.04 -20.66
CA LYS B 122 10.34 1.96 -22.06
C LYS B 122 9.12 1.95 -22.97
N ALA B 123 8.05 1.29 -22.54
CA ALA B 123 6.80 1.31 -23.31
C ALA B 123 6.23 2.71 -23.41
N ILE B 124 6.25 3.46 -22.31
CA ILE B 124 5.75 4.83 -22.32
C ILE B 124 6.59 5.68 -23.27
N GLN B 125 7.91 5.52 -23.20
CA GLN B 125 8.78 6.28 -24.08
C GLN B 125 8.50 5.97 -25.55
N GLN B 126 8.33 4.68 -25.87
CA GLN B 126 8.09 4.28 -27.25
C GLN B 126 6.75 4.83 -27.74
N LEU B 127 5.71 4.75 -26.92
CA LEU B 127 4.41 5.28 -27.31
C LEU B 127 4.46 6.80 -27.50
N ASN B 128 5.17 7.49 -26.62
CA ASN B 128 5.28 8.94 -26.74
C ASN B 128 6.07 9.34 -27.98
N SER B 129 7.03 8.53 -28.40
CA SER B 129 7.80 8.82 -29.60
C SER B 129 7.01 8.60 -30.89
N GLN B 130 5.71 8.33 -30.80
CA GLN B 130 4.88 8.01 -31.94
C GLN B 130 3.87 9.12 -32.18
N GLY B 131 3.60 9.39 -33.45
CA GLY B 131 2.68 10.44 -33.82
C GLY B 131 1.70 10.04 -34.90
N ASN B 132 1.30 8.77 -34.90
CA ASN B 132 0.35 8.25 -35.88
C ASN B 132 -0.84 7.57 -35.24
N PHE B 133 -0.63 6.84 -34.14
CA PHE B 133 -1.70 6.13 -33.44
C PHE B 133 -2.02 6.85 -32.14
N GLU B 134 -3.31 7.07 -31.90
CA GLU B 134 -3.75 7.66 -30.64
C GLU B 134 -3.65 6.63 -29.53
N SER B 135 -2.75 6.85 -28.60
CA SER B 135 -2.45 5.89 -27.54
C SER B 135 -2.75 6.48 -26.18
N SER B 136 -3.90 7.15 -26.06
CA SER B 136 -4.25 7.80 -24.81
C SER B 136 -4.58 6.79 -23.72
N LEU B 137 -5.41 5.79 -24.03
CA LEU B 137 -5.81 4.81 -23.02
C LEU B 137 -4.62 3.98 -22.56
N SER B 138 -3.80 3.51 -23.51
CA SER B 138 -2.64 2.72 -23.15
C SER B 138 -1.66 3.54 -22.33
N LEU B 139 -1.44 4.81 -22.72
CA LEU B 139 -0.56 5.67 -21.94
C LEU B 139 -1.07 5.86 -20.52
N GLY B 140 -2.38 6.09 -20.38
CA GLY B 140 -2.92 6.26 -19.04
C GLY B 140 -2.77 5.02 -18.19
N LEU B 141 -3.04 3.85 -18.77
CA LEU B 141 -2.90 2.62 -18.02
C LEU B 141 -1.46 2.36 -17.61
N LEU B 142 -0.51 2.62 -18.52
CA LEU B 142 0.90 2.44 -18.20
C LEU B 142 1.34 3.43 -17.11
N TYR B 143 0.89 4.68 -17.19
CA TYR B 143 1.21 5.65 -16.16
C TYR B 143 0.68 5.22 -14.81
N ALA B 144 -0.54 4.68 -14.79
CA ALA B 144 -1.10 4.16 -13.55
C ALA B 144 -0.27 3.00 -13.02
N ARG B 145 0.22 2.15 -13.91
CA ARG B 145 1.05 1.02 -13.49
C ARG B 145 2.36 1.51 -12.87
N ILE B 146 2.99 2.53 -13.46
CA ILE B 146 4.24 3.05 -12.91
C ILE B 146 3.99 3.75 -11.58
N GLY B 147 2.96 4.58 -11.51
CA GLY B 147 2.64 5.27 -10.27
C GLY B 147 2.56 6.77 -10.41
N GLU B 148 2.61 7.27 -11.64
CA GLU B 148 2.51 8.70 -11.92
C GLU B 148 1.04 9.00 -12.22
N TYR B 149 0.26 9.22 -11.16
CA TYR B 149 -1.17 9.44 -11.33
C TYR B 149 -1.49 10.81 -11.92
N ALA B 150 -0.61 11.79 -11.74
CA ALA B 150 -0.90 13.14 -12.23
C ALA B 150 -1.07 13.15 -13.74
N LYS B 151 -0.19 12.47 -14.47
CA LYS B 151 -0.33 12.36 -15.92
C LYS B 151 -1.32 11.29 -16.33
N ALA B 152 -1.51 10.27 -15.48
CA ALA B 152 -2.50 9.24 -15.78
C ALA B 152 -3.90 9.84 -15.85
N LYS B 153 -4.21 10.77 -14.95
CA LYS B 153 -5.52 11.40 -14.98
C LYS B 153 -5.73 12.16 -16.28
N VAL B 154 -4.72 12.90 -16.72
CA VAL B 154 -4.86 13.68 -17.95
C VAL B 154 -5.05 12.76 -19.15
N ALA B 155 -4.24 11.70 -19.23
CA ALA B 155 -4.35 10.77 -20.36
C ALA B 155 -5.70 10.09 -20.39
N LEU B 156 -6.17 9.61 -19.23
CA LEU B 156 -7.46 8.93 -19.18
C LEU B 156 -8.61 9.89 -19.50
N SER B 157 -8.53 11.13 -19.00
CA SER B 157 -9.56 12.10 -19.32
C SER B 157 -9.59 12.39 -20.82
N THR B 158 -8.42 12.47 -21.44
CA THR B 158 -8.38 12.64 -22.89
C THR B 158 -9.02 11.45 -23.60
N ALA B 159 -8.72 10.24 -23.14
CA ALA B 159 -9.26 9.04 -23.78
C ALA B 159 -10.75 8.86 -23.54
N MET B 160 -11.31 9.50 -22.52
CA MET B 160 -12.72 9.28 -22.19
C MET B 160 -13.66 9.74 -23.31
N LYS B 161 -13.25 10.72 -24.11
CA LYS B 161 -14.15 11.27 -25.11
C LYS B 161 -14.52 10.26 -26.18
N ILE B 162 -13.55 9.45 -26.62
CA ILE B 162 -13.81 8.49 -27.69
C ILE B 162 -14.83 7.45 -27.23
N GLU B 163 -15.75 7.11 -28.12
CA GLU B 163 -16.84 6.21 -27.76
C GLU B 163 -16.34 4.82 -27.41
N ARG B 164 -15.35 4.32 -28.14
CA ARG B 164 -14.92 2.94 -27.95
C ARG B 164 -14.27 2.73 -26.59
N ASP B 165 -13.50 3.71 -26.12
CA ASP B 165 -12.79 3.60 -24.84
C ASP B 165 -13.51 4.32 -23.72
N PHE B 166 -14.84 4.30 -23.71
CA PHE B 166 -15.59 5.01 -22.67
C PHE B 166 -15.56 4.25 -21.35
N ASN B 167 -16.06 3.02 -21.35
CA ASN B 167 -16.25 2.29 -20.11
C ASN B 167 -14.93 1.99 -19.40
N GLN B 168 -13.94 1.50 -20.16
CA GLN B 168 -12.67 1.13 -19.54
C GLN B 168 -11.96 2.34 -18.98
N SER B 169 -11.93 3.45 -19.73
CA SER B 169 -11.29 4.66 -19.23
C SER B 169 -12.01 5.19 -18.00
N LEU B 170 -13.34 5.14 -18.01
CA LEU B 170 -14.10 5.59 -16.84
C LEU B 170 -13.76 4.77 -15.61
N ALA B 171 -13.73 3.44 -15.74
CA ALA B 171 -13.41 2.60 -14.61
C ALA B 171 -11.99 2.83 -14.11
N ALA B 172 -11.04 2.95 -15.05
CA ALA B 172 -9.65 3.18 -14.66
C ALA B 172 -9.50 4.50 -13.93
N LEU B 173 -10.16 5.55 -14.43
CA LEU B 173 -10.08 6.85 -13.78
C LEU B 173 -10.75 6.84 -12.41
N THR B 174 -11.85 6.09 -12.27
CA THR B 174 -12.48 5.96 -10.96
C THR B 174 -11.56 5.30 -9.96
N LEU B 175 -10.91 4.20 -10.36
CA LEU B 175 -9.98 3.53 -9.45
C LEU B 175 -8.79 4.41 -9.12
N VAL B 176 -8.28 5.15 -10.11
CA VAL B 176 -7.15 6.04 -9.87
C VAL B 176 -7.53 7.15 -8.89
N ASP B 177 -8.73 7.71 -9.05
CA ASP B 177 -9.19 8.75 -8.13
C ASP B 177 -9.34 8.19 -6.72
N ILE B 178 -9.84 6.96 -6.59
CA ILE B 178 -9.91 6.34 -5.27
C ILE B 178 -8.51 6.19 -4.69
N LYS B 179 -7.56 5.75 -5.51
CA LYS B 179 -6.20 5.53 -5.02
C LYS B 179 -5.55 6.84 -4.56
N THR B 180 -5.71 7.91 -5.33
CA THR B 180 -5.09 9.18 -4.96
C THR B 180 -5.76 9.80 -3.75
N GLY B 181 -7.08 9.69 -3.66
CA GLY B 181 -7.83 10.22 -2.52
C GLY B 181 -8.94 11.18 -2.89
N ASN B 182 -9.10 11.56 -4.15
CA ASN B 182 -10.16 12.46 -4.56
C ASN B 182 -11.43 11.65 -4.76
N TYR B 183 -12.33 11.70 -3.76
CA TYR B 183 -13.57 10.94 -3.79
C TYR B 183 -14.72 11.73 -4.41
N GLN B 184 -14.86 13.00 -4.03
CA GLN B 184 -15.95 13.80 -4.58
C GLN B 184 -15.78 14.02 -6.08
N ASP B 185 -14.54 14.13 -6.55
CA ASP B 185 -14.31 14.17 -7.99
C ASP B 185 -14.79 12.89 -8.65
N MET B 186 -14.52 11.74 -8.01
CA MET B 186 -14.98 10.46 -8.55
C MET B 186 -16.50 10.41 -8.65
N LEU B 187 -17.18 10.82 -7.57
CA LEU B 187 -18.64 10.77 -7.58
C LEU B 187 -19.22 11.73 -8.59
N ALA B 188 -18.65 12.93 -8.71
CA ALA B 188 -19.12 13.88 -9.72
C ALA B 188 -18.93 13.33 -11.12
N ARG B 189 -17.79 12.69 -11.38
CA ARG B 189 -17.56 12.08 -12.69
C ARG B 189 -18.57 10.98 -12.98
N LEU B 190 -18.85 10.14 -11.98
CA LEU B 190 -19.82 9.05 -12.17
C LEU B 190 -21.22 9.59 -12.42
N GLN B 191 -21.58 10.68 -11.75
CA GLN B 191 -22.94 11.21 -11.86
C GLN B 191 -23.21 11.83 -13.23
N ASN B 192 -22.19 12.27 -13.95
CA ASN B 192 -22.35 12.96 -15.23
C ASN B 192 -22.22 12.03 -16.42
N SER B 193 -22.03 10.73 -16.20
CA SER B 193 -21.83 9.79 -17.28
C SER B 193 -23.09 9.02 -17.65
N TYR B 194 -23.83 8.54 -16.65
CA TYR B 194 -25.07 7.81 -16.86
C TYR B 194 -26.21 8.46 -16.11
N ASP B 195 -27.43 8.17 -16.54
CA ASP B 195 -28.63 8.66 -15.86
C ASP B 195 -29.28 7.60 -14.98
N ASN B 196 -29.11 6.32 -15.28
CA ASN B 196 -29.67 5.25 -14.46
C ASN B 196 -28.76 4.97 -13.27
N ASP B 197 -29.15 4.00 -12.45
CA ASP B 197 -28.39 3.61 -11.27
C ASP B 197 -27.67 2.28 -11.44
N LYS B 198 -28.27 1.33 -12.16
CA LYS B 198 -27.59 0.06 -12.42
C LYS B 198 -26.35 0.26 -13.29
N ASP B 199 -26.45 1.14 -14.29
CA ASP B 199 -25.33 1.36 -15.19
C ASP B 199 -24.12 1.92 -14.46
N ARG B 200 -24.35 2.85 -13.53
CA ARG B 200 -23.25 3.42 -12.76
C ARG B 200 -22.57 2.38 -11.88
N TYR B 201 -23.28 1.33 -11.48
CA TYR B 201 -22.67 0.25 -10.70
C TYR B 201 -21.81 -0.67 -11.56
N LYS B 202 -22.08 -0.76 -12.86
CA LYS B 202 -21.30 -1.64 -13.73
C LYS B 202 -19.91 -1.09 -14.03
N ILE B 203 -19.72 0.23 -13.91
CA ILE B 203 -18.39 0.79 -14.09
C ILE B 203 -17.45 0.29 -13.01
N LEU B 204 -17.95 0.19 -11.77
CA LEU B 204 -17.16 -0.35 -10.68
C LEU B 204 -16.98 -1.86 -10.77
N ASP B 205 -17.67 -2.53 -11.69
CA ASP B 205 -17.58 -3.97 -11.87
C ASP B 205 -16.54 -4.37 -12.91
N ALA B 206 -15.86 -3.41 -13.53
CA ALA B 206 -14.91 -3.74 -14.59
C ALA B 206 -13.68 -4.43 -14.03
N TYR B 207 -13.10 -3.89 -12.96
CA TYR B 207 -11.89 -4.42 -12.37
C TYR B 207 -12.19 -4.86 -10.94
N LYS B 208 -11.75 -6.06 -10.59
CA LYS B 208 -11.88 -6.55 -9.23
C LYS B 208 -10.72 -6.03 -8.40
N ILE B 209 -11.00 -5.56 -7.19
CA ILE B 209 -10.00 -4.97 -6.32
C ILE B 209 -9.78 -5.86 -5.10
N GLN B 210 -8.70 -5.60 -4.38
CA GLN B 210 -8.36 -6.33 -3.18
C GLN B 210 -7.73 -5.37 -2.19
N VAL B 211 -8.26 -5.35 -0.97
CA VAL B 211 -7.78 -4.43 0.06
C VAL B 211 -6.46 -4.95 0.62
N ARG B 212 -5.56 -4.03 0.95
CA ARG B 212 -4.23 -4.36 1.43
C ARG B 212 -3.78 -3.31 2.43
N LEU B 213 -2.86 -3.71 3.29
CA LEU B 213 -2.26 -2.77 4.24
C LEU B 213 -1.22 -1.90 3.54
N ASN B 214 -1.11 -0.66 4.00
CA ASN B 214 -0.20 0.29 3.38
C ASN B 214 1.25 -0.13 3.59
N LYS B 215 2.04 -0.02 2.52
CA LYS B 215 3.46 -0.38 2.60
C LYS B 215 4.28 0.67 3.33
N ASP B 216 3.76 1.89 3.49
CA ASP B 216 4.50 2.95 4.16
C ASP B 216 4.59 2.73 5.66
N LEU B 217 3.74 1.87 6.23
CA LEU B 217 3.81 1.62 7.66
C LEU B 217 5.10 0.91 8.04
N PHE B 218 5.63 0.06 7.17
CA PHE B 218 6.77 -0.78 7.48
C PHE B 218 8.09 -0.22 6.97
N ASN B 219 8.10 1.00 6.43
CA ASN B 219 9.32 1.60 5.94
C ASN B 219 10.07 2.25 7.09
N ILE B 220 11.29 1.79 7.35
CA ILE B 220 12.05 2.26 8.51
C ILE B 220 12.48 3.72 8.32
N ALA B 221 12.84 4.10 7.10
CA ALA B 221 13.35 5.45 6.87
C ALA B 221 12.29 6.51 7.18
N VAL B 222 11.07 6.31 6.69
CA VAL B 222 10.02 7.30 6.92
C VAL B 222 9.65 7.35 8.41
N ALA B 223 9.61 6.20 9.07
CA ALA B 223 9.32 6.18 10.50
C ALA B 223 10.39 6.93 11.29
N GLN B 224 11.66 6.73 10.94
CA GLN B 224 12.72 7.46 11.62
C GLN B 224 12.61 8.96 11.38
N ASN B 225 12.32 9.35 10.14
CA ASN B 225 12.19 10.77 9.82
C ASN B 225 11.04 11.41 10.60
N SER B 226 9.92 10.70 10.71
CA SER B 226 8.76 11.23 11.40
C SER B 226 8.84 11.11 12.92
N PHE B 227 9.75 10.28 13.44
CA PHE B 227 9.86 10.05 14.87
C PHE B 227 10.97 10.89 15.52
N SER B 228 12.15 10.91 14.92
CA SER B 228 13.28 11.62 15.51
C SER B 228 13.30 13.10 15.19
N LYS B 229 12.48 13.57 14.25
CA LYS B 229 12.47 14.96 13.85
C LYS B 229 11.15 15.66 14.10
N ASP B 230 10.03 14.95 14.00
CA ASP B 230 8.71 15.55 14.17
C ASP B 230 7.89 14.83 15.22
N LEU B 231 8.51 14.54 16.37
CA LEU B 231 7.81 13.79 17.40
C LEU B 231 6.65 14.59 18.00
N LEU B 232 6.91 15.83 18.39
CA LEU B 232 5.90 16.69 18.99
C LEU B 232 5.21 17.60 17.98
N LYS B 233 5.55 17.49 16.70
CA LYS B 233 4.93 18.34 15.67
C LYS B 233 3.81 17.61 14.96
N LYS B 234 2.77 17.28 15.72
CA LYS B 234 1.56 16.68 15.18
C LYS B 234 0.45 16.83 16.19
N GLN B 235 -0.74 17.21 15.71
CA GLN B 235 -1.85 17.50 16.62
C GLN B 235 -2.24 16.25 17.42
N LYS B 236 -2.34 15.10 16.74
CA LYS B 236 -2.72 13.88 17.42
C LYS B 236 -1.70 13.49 18.48
N ASP B 237 -0.41 13.56 18.12
CA ASP B 237 0.64 13.22 19.08
C ASP B 237 0.66 14.19 20.25
N GLN B 238 0.51 15.48 19.98
CA GLN B 238 0.47 16.48 21.05
C GLN B 238 -0.66 16.18 22.02
N PHE B 239 -1.86 15.94 21.49
CA PHE B 239 -3.00 15.69 22.35
C PHE B 239 -2.84 14.41 23.14
N ASP B 240 -2.32 13.35 22.51
CA ASP B 240 -2.11 12.10 23.23
C ASP B 240 -1.11 12.27 24.36
N LEU B 241 0.00 12.98 24.10
CA LEU B 241 1.00 13.19 25.13
C LEU B 241 0.45 14.03 26.27
N LEU B 242 -0.39 15.03 25.95
CA LEU B 242 -1.01 15.82 27.00
C LEU B 242 -1.97 14.98 27.83
N PHE B 243 -2.72 14.08 27.19
CA PHE B 243 -3.63 13.21 27.92
C PHE B 243 -2.87 12.27 28.85
N TYR B 244 -1.73 11.75 28.39
CA TYR B 244 -0.97 10.81 29.22
C TYR B 244 -0.56 11.45 30.54
N PHE B 245 0.06 12.62 30.48
CA PHE B 245 0.58 13.24 31.68
C PHE B 245 -0.45 14.04 32.45
N ALA B 246 -1.70 14.07 31.98
CA ALA B 246 -2.72 14.88 32.62
C ALA B 246 -3.00 14.37 34.03
N PRO B 247 -3.42 15.23 34.94
CA PRO B 247 -3.72 14.81 36.30
C PRO B 247 -5.16 14.33 36.45
N TYR B 248 -5.39 13.58 37.52
CA TYR B 248 -6.71 13.09 37.87
C TYR B 248 -7.23 13.89 39.06
N GLN B 249 -8.43 14.43 38.91
CA GLN B 249 -8.96 15.34 39.92
C GLN B 249 -9.58 14.57 41.08
N VAL B 250 -9.39 15.10 42.29
CA VAL B 250 -9.97 14.57 43.50
C VAL B 250 -10.59 15.73 44.28
N PHE B 251 -11.19 15.41 45.43
CA PHE B 251 -11.69 16.46 46.31
C PHE B 251 -10.57 17.04 47.16
N ASP B 252 -9.93 16.21 47.97
CA ASP B 252 -8.83 16.62 48.83
C ASP B 252 -7.61 15.78 48.52
N SER B 253 -6.48 16.44 48.24
CA SER B 253 -5.27 15.72 47.87
C SER B 253 -4.70 14.95 49.04
N LYS B 254 -4.79 15.50 50.25
CA LYS B 254 -4.20 14.84 51.41
C LYS B 254 -4.84 13.49 51.68
N GLN B 255 -6.17 13.42 51.59
CA GLN B 255 -6.85 12.14 51.79
C GLN B 255 -6.52 11.16 50.68
N ALA B 256 -6.44 11.65 49.43
CA ALA B 256 -6.15 10.76 48.31
C ALA B 256 -4.71 10.29 48.33
N ALA B 257 -3.79 11.09 48.88
CA ALA B 257 -2.39 10.72 48.88
C ALA B 257 -2.13 9.46 49.69
N LEU B 258 -2.96 9.20 50.71
CA LEU B 258 -2.76 8.03 51.55
C LEU B 258 -3.26 6.75 50.90
N TYR B 259 -3.95 6.84 49.76
CA TYR B 259 -4.53 5.68 49.11
C TYR B 259 -3.90 5.38 47.75
N ILE B 260 -2.80 6.06 47.40
CA ILE B 260 -2.13 5.87 46.12
C ILE B 260 -0.66 5.60 46.41
N LYS B 261 -0.12 4.59 45.74
CA LYS B 261 1.29 4.19 45.88
C LYS B 261 1.99 4.44 44.55
N LYS B 262 2.52 5.65 44.38
CA LYS B 262 3.21 6.02 43.16
C LYS B 262 4.52 6.76 43.39
N ALA B 263 4.74 7.37 44.56
CA ALA B 263 5.88 8.21 44.91
C ALA B 263 5.91 9.51 44.11
N ASN B 264 4.95 9.74 43.22
CA ASN B 264 4.77 10.99 42.50
C ASN B 264 3.32 11.42 42.56
N VAL B 265 2.69 11.22 43.71
CA VAL B 265 1.25 11.46 43.85
C VAL B 265 0.94 12.94 43.64
N THR B 266 1.76 13.82 44.21
CA THR B 266 1.49 15.25 44.15
C THR B 266 1.56 15.80 42.73
N ASP B 267 2.10 15.06 41.77
CA ASP B 267 2.25 15.53 40.42
C ASP B 267 1.14 15.06 39.48
N PHE B 268 0.39 14.03 39.86
CA PHE B 268 -0.66 13.48 39.02
C PHE B 268 -2.05 13.64 39.62
N VAL B 269 -2.16 14.35 40.74
CA VAL B 269 -3.45 14.58 41.40
C VAL B 269 -3.56 16.06 41.76
N ASP B 270 -4.66 16.68 41.38
CA ASP B 270 -4.91 18.09 41.67
C ASP B 270 -6.29 18.26 42.27
N ASP B 271 -6.41 19.28 43.13
CA ASP B 271 -7.66 19.59 43.82
C ASP B 271 -8.07 21.04 43.58
N SER B 272 -7.98 21.49 42.34
CA SER B 272 -8.35 22.85 41.98
C SER B 272 -9.82 22.98 41.60
N ALA B 273 -10.59 21.89 41.70
CA ALA B 273 -12.01 21.91 41.35
C ALA B 273 -12.80 22.48 42.53
N ASP B 274 -12.66 23.79 42.72
CA ASP B 274 -13.34 24.53 43.78
C ASP B 274 -13.07 23.92 45.16
N LEU B 285 -18.09 14.28 49.87
CA LEU B 285 -18.26 13.26 50.90
C LEU B 285 -17.01 12.40 51.04
N SER B 286 -16.80 11.86 52.24
CA SER B 286 -15.65 11.00 52.48
C SER B 286 -15.72 9.73 51.64
N SER B 287 -16.90 9.15 51.52
CA SER B 287 -17.04 7.93 50.72
C SER B 287 -16.70 8.19 49.26
N THR B 288 -17.15 9.31 48.72
CA THR B 288 -16.80 9.65 47.35
C THR B 288 -15.30 9.86 47.21
N ASN B 289 -14.69 10.49 48.20
CA ASN B 289 -13.24 10.69 48.19
C ASN B 289 -12.50 9.36 48.14
N VAL B 290 -12.89 8.42 49.01
CA VAL B 290 -12.15 7.16 49.08
C VAL B 290 -12.39 6.33 47.83
N LYS B 291 -13.61 6.37 47.27
CA LYS B 291 -13.86 5.65 46.03
C LYS B 291 -13.04 6.23 44.88
N ILE B 292 -12.97 7.55 44.80
CA ILE B 292 -12.16 8.20 43.77
C ILE B 292 -10.69 7.80 43.94
N ALA B 293 -10.21 7.80 45.17
CA ALA B 293 -8.81 7.46 45.42
C ALA B 293 -8.52 6.02 45.02
N ASN B 294 -9.42 5.10 45.37
CA ASN B 294 -9.20 3.69 45.03
C ASN B 294 -9.16 3.49 43.52
N ILE B 295 -10.14 4.06 42.81
CA ILE B 295 -10.18 3.83 41.37
C ILE B 295 -9.01 4.53 40.69
N ILE B 296 -8.58 5.67 41.21
CA ILE B 296 -7.42 6.37 40.67
C ILE B 296 -6.15 5.56 40.87
N ASN B 297 -6.00 4.95 42.04
CA ASN B 297 -4.85 4.07 42.28
C ASN B 297 -4.87 2.94 41.27
N TYR B 298 -6.03 2.35 41.04
CA TYR B 298 -6.14 1.30 40.03
C TYR B 298 -5.72 1.81 38.65
N ALA B 299 -6.09 3.06 38.33
CA ALA B 299 -5.79 3.60 37.02
C ALA B 299 -4.31 3.87 36.82
N LEU B 300 -3.65 4.44 37.84
CA LEU B 300 -2.26 4.85 37.67
C LEU B 300 -1.30 3.68 37.67
N ASN B 301 -1.61 2.60 38.39
CA ASN B 301 -0.72 1.44 38.48
C ASN B 301 -0.91 0.48 37.33
N GLN B 302 -0.88 1.01 36.11
CA GLN B 302 -0.91 0.22 34.88
C GLN B 302 -2.08 -0.76 34.84
N LYS B 303 -3.28 -0.23 35.10
CA LYS B 303 -4.51 -1.00 34.95
C LYS B 303 -5.61 -0.01 34.55
N LEU B 304 -5.83 0.12 33.25
CA LEU B 304 -6.71 1.15 32.71
C LEU B 304 -8.14 0.68 32.47
N ARG B 305 -8.31 -0.52 31.90
CA ARG B 305 -9.64 -0.99 31.56
C ARG B 305 -10.50 -1.17 32.80
N LEU B 306 -9.92 -1.77 33.84
CA LEU B 306 -10.68 -1.99 35.07
C LEU B 306 -11.07 -0.66 35.72
N ALA B 307 -10.15 0.32 35.71
CA ALA B 307 -10.47 1.63 36.26
C ALA B 307 -11.57 2.32 35.46
N ASN B 308 -11.52 2.21 34.13
CA ASN B 308 -12.57 2.79 33.29
C ASN B 308 -13.91 2.16 33.60
N GLN B 309 -13.95 0.83 33.71
CA GLN B 309 -15.21 0.16 34.04
C GLN B 309 -15.71 0.57 35.42
N GLU B 310 -14.81 0.69 36.39
CA GLU B 310 -15.24 1.06 37.74
C GLU B 310 -15.80 2.47 37.76
N PHE B 311 -15.16 3.40 37.07
CA PHE B 311 -15.68 4.76 36.98
C PHE B 311 -17.04 4.78 36.30
N GLN B 312 -17.18 4.02 35.21
CA GLN B 312 -18.46 3.96 34.51
C GLN B 312 -19.55 3.43 35.42
N LYS B 313 -19.25 2.39 36.18
CA LYS B 313 -20.25 1.81 37.09
C LYS B 313 -20.61 2.78 38.20
N LEU B 314 -19.61 3.47 38.77
CA LEU B 314 -19.88 4.30 39.93
C LEU B 314 -20.55 5.62 39.54
N ILE B 315 -20.39 6.06 38.29
CA ILE B 315 -21.06 7.28 37.85
C ILE B 315 -22.57 7.09 37.86
N LYS B 316 -23.05 5.89 37.53
CA LYS B 316 -24.49 5.63 37.53
C LYS B 316 -25.11 5.84 38.90
N ASP B 317 -24.33 5.73 39.97
CA ASP B 317 -24.86 5.93 41.30
C ASP B 317 -24.96 7.40 41.66
N TYR B 318 -23.93 8.18 41.33
CA TYR B 318 -23.90 9.63 41.58
C TYR B 318 -23.79 10.34 40.24
N PRO B 319 -24.90 10.78 39.65
CA PRO B 319 -24.84 11.31 38.29
C PRO B 319 -24.60 12.82 38.21
N GLU B 320 -24.28 13.46 39.34
CA GLU B 320 -24.01 14.89 39.37
C GLU B 320 -22.75 15.16 40.20
N HIS B 321 -21.60 15.12 39.52
CA HIS B 321 -20.30 15.40 40.14
C HIS B 321 -19.35 15.75 39.00
N SER B 322 -18.86 17.00 38.99
CA SER B 322 -18.01 17.45 37.89
C SER B 322 -16.70 16.69 37.82
N ILE B 323 -16.19 16.22 38.96
CA ILE B 323 -14.91 15.52 38.97
C ILE B 323 -15.03 14.15 38.33
N LEU B 324 -16.09 13.41 38.66
CA LEU B 324 -16.22 12.03 38.18
C LEU B 324 -16.31 11.98 36.67
N HIS B 325 -17.06 12.90 36.07
CA HIS B 325 -17.14 12.96 34.62
C HIS B 325 -15.76 13.21 34.03
N TYR B 326 -14.98 14.09 34.64
CA TYR B 326 -13.64 14.36 34.15
C TYR B 326 -12.76 13.12 34.23
N ASN B 327 -12.85 12.37 35.32
CA ASN B 327 -12.01 11.19 35.47
C ASN B 327 -12.38 10.11 34.46
N LEU B 328 -13.68 9.85 34.28
CA LEU B 328 -14.09 8.87 33.29
C LEU B 328 -13.70 9.32 31.89
N ALA B 329 -13.84 10.61 31.59
CA ALA B 329 -13.45 11.11 30.29
C ALA B 329 -11.96 10.98 30.08
N LEU B 330 -11.16 11.19 31.13
CA LEU B 330 -9.71 11.04 30.98
C LEU B 330 -9.33 9.58 30.74
N THR B 331 -9.98 8.66 31.45
CA THR B 331 -9.72 7.24 31.21
C THR B 331 -10.10 6.86 29.79
N TYR B 332 -11.21 7.39 29.28
CA TYR B 332 -11.58 7.14 27.90
C TYR B 332 -10.58 7.75 26.92
N ALA B 333 -10.14 8.97 27.20
CA ALA B 333 -9.26 9.68 26.27
C ALA B 333 -7.89 9.01 26.17
N GLN B 334 -7.35 8.57 27.31
CA GLN B 334 -6.11 7.80 27.29
C GLN B 334 -6.28 6.45 26.62
N MET B 335 -7.51 6.01 26.42
CA MET B 335 -7.82 4.71 25.83
C MET B 335 -8.20 4.82 24.36
N GLN B 336 -7.97 5.98 23.74
CA GLN B 336 -8.28 6.22 22.33
C GLN B 336 -9.77 6.05 22.04
N ASN B 337 -10.61 6.40 23.01
CA ASN B 337 -12.06 6.42 22.85
C ASN B 337 -12.48 7.88 23.01
N TYR B 338 -12.53 8.60 21.90
CA TYR B 338 -12.59 10.06 21.96
C TYR B 338 -14.01 10.61 22.03
N GLU B 339 -15.01 9.90 21.48
CA GLU B 339 -16.36 10.45 21.47
C GLU B 339 -16.97 10.45 22.86
N LEU B 340 -16.83 9.35 23.59
CA LEU B 340 -17.30 9.33 24.97
C LEU B 340 -16.50 10.31 25.82
N ALA B 341 -15.22 10.52 25.48
CA ALA B 341 -14.42 11.53 26.16
C ALA B 341 -15.00 12.92 25.94
N TYR B 342 -15.39 13.23 24.70
CA TYR B 342 -16.08 14.49 24.42
C TYR B 342 -17.33 14.60 25.28
N LYS B 343 -18.15 13.55 25.27
CA LYS B 343 -19.42 13.59 25.98
C LYS B 343 -19.21 13.92 27.46
N HIS B 344 -18.33 13.18 28.12
CA HIS B 344 -18.18 13.37 29.56
C HIS B 344 -17.38 14.61 29.91
N PHE B 345 -16.44 15.04 29.07
CA PHE B 345 -15.76 16.30 29.30
C PHE B 345 -16.73 17.47 29.22
N SER B 346 -17.61 17.46 28.20
CA SER B 346 -18.61 18.52 28.09
C SER B 346 -19.57 18.49 29.26
N SER B 347 -19.97 17.30 29.70
CA SER B 347 -20.82 17.22 30.89
C SER B 347 -20.14 17.81 32.10
N SER B 348 -18.86 17.49 32.29
CA SER B 348 -18.12 18.02 33.44
C SER B 348 -18.03 19.54 33.39
N TYR B 349 -17.74 20.09 32.22
CA TYR B 349 -17.64 21.54 32.12
C TYR B 349 -18.99 22.21 32.32
N HIS B 350 -20.07 21.59 31.84
CA HIS B 350 -21.38 22.19 32.00
C HIS B 350 -21.89 22.09 33.43
N LEU B 351 -21.46 21.09 34.19
CA LEU B 351 -21.85 21.01 35.59
C LEU B 351 -21.01 21.91 36.49
N ASN B 352 -19.87 22.39 36.02
CA ASN B 352 -19.04 23.31 36.80
C ASN B 352 -18.17 24.14 35.85
N PRO B 353 -18.54 25.38 35.58
CA PRO B 353 -17.81 26.18 34.58
C PRO B 353 -16.52 26.79 35.07
N LYS B 354 -16.04 26.44 36.26
CA LYS B 354 -14.76 26.91 36.76
C LYS B 354 -13.65 25.87 36.62
N ASN B 355 -13.95 24.73 36.01
CA ASN B 355 -12.96 23.68 35.77
C ASN B 355 -12.45 23.85 34.35
N TYR B 356 -11.42 24.69 34.20
CA TYR B 356 -10.96 25.07 32.86
C TYR B 356 -10.22 23.94 32.17
N LEU B 357 -9.56 23.07 32.94
CA LEU B 357 -8.88 21.92 32.32
C LEU B 357 -9.88 21.02 31.62
N ALA B 358 -11.06 20.83 32.23
CA ALA B 358 -12.09 20.01 31.60
C ALA B 358 -12.52 20.61 30.28
N GLY B 359 -12.71 21.92 30.22
CA GLY B 359 -13.10 22.55 28.96
C GLY B 359 -12.03 22.45 27.91
N ALA B 360 -10.77 22.65 28.30
CA ALA B 360 -9.67 22.53 27.33
C ALA B 360 -9.60 21.13 26.76
N PHE B 361 -9.72 20.12 27.62
CA PHE B 361 -9.68 18.75 27.13
C PHE B 361 -10.91 18.41 26.30
N ALA B 362 -12.06 19.02 26.63
CA ALA B 362 -13.25 18.83 25.80
C ALA B 362 -13.02 19.37 24.39
N MET B 363 -12.41 20.55 24.28
CA MET B 363 -12.11 21.09 22.96
C MET B 363 -11.10 20.22 22.23
N PHE B 364 -10.11 19.69 22.95
CA PHE B 364 -9.13 18.82 22.30
C PHE B 364 -9.80 17.58 21.73
N CYS B 365 -10.65 16.93 22.53
CA CYS B 365 -11.35 15.74 22.06
C CYS B 365 -12.27 16.07 20.89
N ALA B 366 -12.99 17.20 20.97
CA ALA B 366 -13.88 17.60 19.90
C ALA B 366 -13.13 17.98 18.63
N LYS B 367 -11.87 18.38 18.75
CA LYS B 367 -11.05 18.65 17.57
C LYS B 367 -10.56 17.34 16.96
N LEU B 368 -10.20 16.36 17.80
CA LEU B 368 -9.69 15.11 17.27
C LEU B 368 -10.74 14.39 16.43
N ILE B 369 -11.97 14.32 16.92
CA ILE B 369 -13.10 13.93 16.06
C ILE B 369 -13.52 15.19 15.31
N ASP B 370 -14.35 15.05 14.30
CA ASP B 370 -14.74 16.19 13.46
C ASP B 370 -16.05 16.76 13.98
N ILE B 371 -15.98 17.94 14.58
CA ILE B 371 -17.17 18.64 15.07
C ILE B 371 -16.80 20.10 15.27
N ASP B 372 -17.81 20.97 15.29
CA ASP B 372 -17.59 22.39 15.52
C ASP B 372 -17.59 22.69 17.01
N THR B 373 -16.54 23.39 17.48
CA THR B 373 -16.38 23.68 18.89
C THR B 373 -16.24 25.17 19.16
N THR B 374 -16.65 26.02 18.21
CA THR B 374 -16.51 27.46 18.40
C THR B 374 -17.36 27.96 19.57
N LYS B 375 -18.56 27.40 19.74
CA LYS B 375 -19.43 27.82 20.83
C LYS B 375 -18.77 27.58 22.18
N LEU B 376 -18.16 26.41 22.37
CA LEU B 376 -17.46 26.13 23.62
C LEU B 376 -16.28 27.07 23.81
N TYR B 377 -15.53 27.34 22.75
CA TYR B 377 -14.38 28.23 22.86
C TYR B 377 -14.84 29.61 23.33
N ASN B 378 -15.89 30.14 22.71
CA ASN B 378 -16.42 31.42 23.14
C ASN B 378 -16.91 31.37 24.57
N GLU B 379 -17.52 30.26 24.98
CA GLU B 379 -18.01 30.15 26.35
C GLU B 379 -16.88 30.23 27.35
N ILE B 380 -15.80 29.47 27.13
CA ILE B 380 -14.67 29.52 28.05
C ILE B 380 -13.99 30.89 27.99
N LEU B 381 -13.95 31.52 26.82
CA LEU B 381 -13.34 32.84 26.73
C LEU B 381 -14.12 33.87 27.53
N ASP B 382 -15.46 33.83 27.44
CA ASP B 382 -16.27 34.74 28.23
C ASP B 382 -16.13 34.46 29.72
N ASN B 383 -16.09 33.19 30.10
CA ASN B 383 -15.96 32.87 31.52
C ASN B 383 -14.58 33.24 32.06
N ILE B 384 -13.56 33.25 31.19
CA ILE B 384 -12.24 33.69 31.61
C ILE B 384 -12.23 35.19 31.88
N ALA B 385 -12.80 35.97 30.96
CA ALA B 385 -12.77 37.42 31.08
C ALA B 385 -13.63 37.92 32.24
N ALA B 386 -14.51 37.09 32.77
CA ALA B 386 -15.34 37.44 33.92
C ALA B 386 -15.01 36.46 35.05
N ASP B 387 -13.98 36.77 35.81
CA ASP B 387 -13.61 35.94 36.95
C ASP B 387 -12.85 36.81 37.95
N SER B 388 -13.05 36.50 39.23
CA SER B 388 -12.35 37.23 40.27
C SER B 388 -10.86 36.91 40.26
N ASN B 389 -10.49 35.66 40.00
CA ASN B 389 -9.09 35.26 39.99
C ASN B 389 -8.88 34.23 38.89
N PHE B 390 -7.67 34.24 38.32
CA PHE B 390 -7.31 33.34 37.24
C PHE B 390 -5.93 32.72 37.50
N LYS B 391 -5.77 32.13 38.68
CA LYS B 391 -4.47 31.58 39.08
C LYS B 391 -4.00 30.46 38.15
N ALA B 392 -4.87 29.94 37.28
CA ALA B 392 -4.51 28.85 36.38
C ALA B 392 -4.37 29.40 34.95
N ASN B 393 -3.15 29.80 34.59
CA ASN B 393 -2.87 30.31 33.26
C ASN B 393 -2.50 29.23 32.26
N MET B 394 -2.18 28.02 32.74
CA MET B 394 -1.85 26.93 31.83
C MET B 394 -3.01 26.60 30.92
N GLN B 395 -4.23 26.59 31.45
CA GLN B 395 -5.40 26.30 30.64
C GLN B 395 -5.65 27.39 29.61
N LYS B 396 -5.45 28.65 29.99
CA LYS B 396 -5.59 29.74 29.03
C LYS B 396 -4.60 29.58 27.89
N SER B 397 -3.35 29.23 28.20
CA SER B 397 -2.38 28.99 27.14
C SER B 397 -2.77 27.78 26.29
N MET B 398 -3.29 26.74 26.93
CA MET B 398 -3.67 25.52 26.21
C MET B 398 -4.82 25.77 25.26
N LEU B 399 -5.67 26.74 25.56
CA LEU B 399 -6.86 26.97 24.74
C LEU B 399 -6.50 27.28 23.30
N PHE B 400 -5.29 27.77 23.05
CA PHE B 400 -4.87 28.15 21.70
C PHE B 400 -4.43 26.96 20.85
N LEU B 401 -4.26 25.78 21.45
CA LEU B 401 -3.69 24.65 20.70
C LEU B 401 -4.63 24.16 19.60
N VAL B 402 -5.95 24.29 19.79
CA VAL B 402 -6.88 23.83 18.78
C VAL B 402 -6.67 24.58 17.47
N ASN B 403 -6.55 25.90 17.55
CA ASN B 403 -6.23 26.70 16.38
C ASN B 403 -4.79 26.48 15.98
N ASN B 404 -4.53 26.50 14.68
CA ASN B 404 -3.18 26.27 14.15
C ASN B 404 -2.33 27.53 14.29
N ASN B 405 -2.19 27.98 15.54
CA ASN B 405 -1.33 29.09 15.89
C ASN B 405 -0.55 28.73 17.14
N TYR B 406 0.68 29.22 17.22
CA TYR B 406 1.55 28.89 18.33
C TYR B 406 2.25 30.08 18.96
N ILE B 407 2.18 31.26 18.35
CA ILE B 407 2.86 32.43 18.91
C ILE B 407 2.24 32.82 20.24
N SER B 408 0.93 32.64 20.38
CA SER B 408 0.21 33.16 21.54
C SER B 408 0.69 32.56 22.86
N MET B 409 1.26 31.35 22.84
CA MET B 409 1.73 30.73 24.07
C MET B 409 3.17 31.08 24.40
N LEU B 410 3.82 31.89 23.57
CA LEU B 410 5.20 32.30 23.86
C LEU B 410 5.35 33.00 25.21
N PRO B 411 4.44 33.88 25.65
CA PRO B 411 4.59 34.43 27.01
C PRO B 411 4.65 33.37 28.10
N TYR B 412 3.99 32.23 27.92
CA TYR B 412 3.94 31.23 28.98
C TYR B 412 5.33 30.72 29.34
N LEU B 413 6.29 30.81 28.42
CA LEU B 413 7.63 30.33 28.71
C LEU B 413 8.37 31.23 29.70
N ASP B 414 7.81 32.38 30.06
CA ASP B 414 8.41 33.26 31.06
C ASP B 414 7.41 33.47 32.20
N GLU B 415 7.40 32.55 33.16
CA GLU B 415 6.55 32.66 34.33
C GLU B 415 7.24 32.00 35.52
N THR B 416 6.84 32.43 36.72
CA THR B 416 7.26 31.78 37.96
C THR B 416 6.30 30.62 38.22
N LYS B 417 6.82 29.40 38.19
CA LYS B 417 6.00 28.24 37.89
C LYS B 417 6.33 27.08 38.83
N LYS B 418 5.30 26.33 39.22
CA LYS B 418 5.49 25.05 39.90
C LYS B 418 5.58 23.94 38.86
N ASP B 419 6.52 23.02 39.05
CA ASP B 419 6.84 22.03 38.03
C ASP B 419 6.01 20.77 38.23
N THR B 420 5.14 20.49 37.27
CA THR B 420 4.38 19.25 37.17
C THR B 420 4.55 18.73 35.75
N PRO B 421 4.49 17.41 35.56
CA PRO B 421 4.80 16.85 34.22
C PRO B 421 3.96 17.44 33.10
N LEU B 422 2.71 17.79 33.38
CA LEU B 422 1.88 18.46 32.38
C LEU B 422 2.53 19.77 31.95
N SER B 423 3.03 20.54 32.91
CA SER B 423 3.67 21.81 32.60
C SER B 423 4.90 21.60 31.72
N LEU B 424 5.74 20.63 32.07
CA LEU B 424 6.95 20.40 31.30
C LEU B 424 6.63 19.95 29.87
N ILE B 425 5.65 19.07 29.71
CA ILE B 425 5.34 18.61 28.36
C ILE B 425 4.71 19.73 27.54
N PHE B 426 3.90 20.60 28.18
CA PHE B 426 3.35 21.73 27.45
C PHE B 426 4.44 22.70 27.02
N GLU B 427 5.41 22.96 27.91
CA GLU B 427 6.52 23.82 27.55
C GLU B 427 7.34 23.22 26.41
N ALA B 428 7.54 21.90 26.44
CA ALA B 428 8.26 21.24 25.35
C ALA B 428 7.53 21.40 24.03
N ILE B 429 6.21 21.22 24.04
CA ILE B 429 5.43 21.40 22.82
C ILE B 429 5.56 22.82 22.29
N VAL B 430 5.43 23.80 23.20
CA VAL B 430 5.48 25.19 22.78
C VAL B 430 6.86 25.54 22.22
N ALA B 431 7.92 25.09 22.89
CA ALA B 431 9.26 25.37 22.41
C ALA B 431 9.53 24.72 21.08
N LYS B 432 9.09 23.47 20.91
CA LYS B 432 9.36 22.77 19.65
C LYS B 432 8.57 23.38 18.49
N ASN B 433 7.37 23.90 18.76
CA ASN B 433 6.54 24.40 17.68
C ASN B 433 6.90 25.81 17.24
N ASN B 434 7.89 26.44 17.87
CA ASN B 434 8.43 27.72 17.42
C ASN B 434 9.89 27.62 17.03
N ASN B 435 10.32 26.45 16.56
CA ASN B 435 11.68 26.16 16.10
C ASN B 435 12.73 26.37 17.19
N LEU B 436 12.31 26.54 18.44
CA LEU B 436 13.24 26.66 19.56
C LEU B 436 13.70 25.26 19.97
N ASN B 437 14.47 24.65 19.08
CA ASN B 437 14.89 23.26 19.24
C ASN B 437 15.99 23.08 20.27
N ASN B 438 16.29 24.10 21.08
CA ASN B 438 17.34 23.98 22.08
C ASN B 438 16.77 23.69 23.47
N GLN B 439 15.74 24.45 23.88
CA GLN B 439 15.17 24.24 25.21
C GLN B 439 14.28 23.02 25.28
N VAL B 440 13.91 22.42 24.15
CA VAL B 440 13.17 21.17 24.18
C VAL B 440 13.95 20.12 24.93
N ASP B 441 15.27 20.06 24.69
CA ASP B 441 16.11 19.07 25.35
C ASP B 441 16.13 19.26 26.86
N VAL B 442 16.27 20.50 27.33
CA VAL B 442 16.34 20.71 28.77
C VAL B 442 15.00 20.43 29.42
N LYS B 443 13.90 20.79 28.74
CA LYS B 443 12.58 20.47 29.26
C LYS B 443 12.38 18.96 29.38
N ILE B 444 12.79 18.22 28.35
CA ILE B 444 12.63 16.77 28.39
C ILE B 444 13.54 16.14 29.44
N ALA B 445 14.73 16.69 29.62
CA ALA B 445 15.63 16.20 30.66
C ALA B 445 15.02 16.40 32.04
N LYS B 446 14.43 17.56 32.29
CA LYS B 446 13.73 17.78 33.56
C LYS B 446 12.56 16.81 33.70
N LEU B 447 11.86 16.56 32.60
CA LEU B 447 10.74 15.62 32.64
C LEU B 447 11.20 14.24 33.06
N ARG B 448 12.29 13.75 32.47
CA ARG B 448 12.81 12.44 32.83
C ARG B 448 13.29 12.42 34.28
N SER B 449 13.94 13.50 34.71
CA SER B 449 14.36 13.57 36.11
C SER B 449 13.17 13.49 37.05
N GLU B 450 12.05 14.08 36.66
CA GLU B 450 10.84 14.02 37.50
C GLU B 450 10.29 12.59 37.57
N LEU B 451 10.32 11.87 36.45
CA LEU B 451 9.79 10.50 36.39
C LEU B 451 10.90 9.53 36.03
N PRO B 452 11.52 8.88 37.02
CA PRO B 452 12.60 7.94 36.70
C PRO B 452 12.12 6.69 36.00
N GLU B 453 11.14 6.00 36.58
CA GLU B 453 10.69 4.71 36.09
C GLU B 453 9.43 4.89 35.23
N ASP B 454 9.65 5.40 34.03
CA ASP B 454 8.60 5.57 33.04
C ASP B 454 9.12 5.16 31.66
N ILE B 455 8.27 4.50 30.88
CA ILE B 455 8.67 4.09 29.54
C ILE B 455 8.73 5.29 28.61
N LEU B 456 7.66 6.10 28.61
CA LEU B 456 7.59 7.19 27.65
C LEU B 456 8.63 8.27 27.93
N ALA B 457 8.92 8.54 29.20
CA ALA B 457 9.97 9.50 29.53
C ALA B 457 11.32 9.02 29.00
N ASN B 458 11.61 7.73 29.17
CA ASN B 458 12.87 7.19 28.66
C ASN B 458 12.94 7.29 27.14
N ILE B 459 11.84 6.96 26.46
CA ILE B 459 11.84 7.05 25.00
C ILE B 459 12.04 8.49 24.55
N LEU B 460 11.37 9.44 25.21
CA LEU B 460 11.51 10.84 24.85
C LEU B 460 12.94 11.32 25.08
N TYR B 461 13.55 10.95 26.20
CA TYR B 461 14.92 11.37 26.46
C TYR B 461 15.88 10.78 25.45
N PHE B 462 15.68 9.50 25.09
CA PHE B 462 16.55 8.89 24.09
C PHE B 462 16.42 9.60 22.75
N ASN B 463 15.19 9.88 22.33
CA ASN B 463 14.97 10.54 21.04
C ASN B 463 15.49 11.97 21.05
N SER B 464 15.49 12.62 22.22
CA SER B 464 16.05 13.96 22.31
C SER B 464 17.57 13.95 22.26
N LEU B 465 18.19 13.00 22.96
CA LEU B 465 19.65 12.99 23.05
C LEU B 465 20.28 12.53 21.75
N ASN B 466 19.70 11.50 21.15
CA ASN B 466 20.28 10.87 19.93
C ASN B 466 19.50 11.24 18.67
N SER B 467 19.07 12.50 18.56
CA SER B 467 18.30 12.89 17.38
C SER B 467 19.17 13.19 16.18
N ASN B 468 20.33 13.81 16.39
CA ASN B 468 21.12 14.32 15.28
C ASN B 468 22.08 13.28 14.72
N LEU B 469 21.55 12.11 14.34
CA LEU B 469 22.35 11.03 13.81
C LEU B 469 21.71 10.51 12.52
N ASN B 470 22.33 9.50 11.95
CA ASN B 470 21.78 8.80 10.78
C ASN B 470 20.99 7.59 11.26
N ILE B 471 20.56 6.74 10.33
CA ILE B 471 19.73 5.60 10.69
C ILE B 471 20.56 4.54 11.43
N LYS B 472 21.78 4.28 10.94
CA LYS B 472 22.58 3.21 11.52
C LYS B 472 23.02 3.53 12.94
N GLU B 473 23.48 4.77 13.17
CA GLU B 473 23.88 5.15 14.51
C GLU B 473 22.70 5.13 15.47
N TYR B 474 21.55 5.60 15.00
CA TYR B 474 20.33 5.56 15.82
C TYR B 474 20.00 4.13 16.22
N ALA B 475 20.03 3.22 15.25
CA ALA B 475 19.69 1.83 15.53
C ALA B 475 20.68 1.20 16.51
N GLN B 476 21.98 1.43 16.30
CA GLN B 476 22.98 0.83 17.16
C GLN B 476 22.86 1.37 18.59
N ASN B 477 22.66 2.68 18.73
CA ASN B 477 22.56 3.27 20.08
C ASN B 477 21.32 2.68 20.73
N ALA B 478 20.21 2.66 20.01
CA ALA B 478 18.97 2.15 20.59
C ALA B 478 19.14 0.72 21.07
N GLN B 479 19.79 -0.11 20.26
CA GLN B 479 20.03 -1.50 20.66
C GLN B 479 20.85 -1.55 21.94
N ILE B 480 21.92 -0.76 22.02
CA ILE B 480 22.75 -0.75 23.21
C ILE B 480 21.96 -0.26 24.42
N HIS B 481 21.13 0.78 24.23
CA HIS B 481 20.38 1.36 25.33
C HIS B 481 19.35 0.38 25.89
N PHE B 482 18.60 -0.27 25.01
CA PHE B 482 17.56 -1.18 25.48
C PHE B 482 18.10 -2.56 25.86
N LYS B 483 19.32 -2.90 25.45
CA LYS B 483 19.91 -4.15 25.90
C LYS B 483 20.14 -4.14 27.40
N ASN B 484 20.62 -3.01 27.94
CA ASN B 484 20.85 -2.86 29.37
C ASN B 484 19.61 -2.42 30.13
N LEU B 485 18.50 -2.18 29.44
CA LEU B 485 17.25 -1.79 30.09
C LEU B 485 16.38 -3.02 30.31
N LYS B 486 15.95 -3.20 31.56
CA LYS B 486 15.11 -4.33 31.93
C LYS B 486 13.70 -3.83 32.20
N LEU B 487 12.71 -4.48 31.59
CA LEU B 487 11.32 -4.12 31.75
C LEU B 487 10.51 -5.36 32.10
N ASP B 488 9.59 -5.21 33.06
CA ASP B 488 8.67 -6.28 33.39
C ASP B 488 7.54 -6.25 32.37
N TYR B 489 7.71 -7.03 31.30
CA TYR B 489 6.79 -6.98 30.18
C TYR B 489 5.37 -7.33 30.56
N ARG B 490 5.19 -8.11 31.64
CA ARG B 490 3.87 -8.59 32.00
C ARG B 490 2.93 -7.45 32.37
N SER B 491 3.42 -6.47 33.13
CA SER B 491 2.54 -5.48 33.73
C SER B 491 2.81 -4.04 33.31
N VAL B 492 3.90 -3.75 32.61
CA VAL B 492 4.25 -2.36 32.36
C VAL B 492 3.57 -1.77 31.13
N PHE B 493 3.11 -2.61 30.21
CA PHE B 493 2.37 -2.16 29.03
C PHE B 493 0.87 -2.22 29.28
N GLY B 494 0.42 -1.61 30.38
CA GLY B 494 -0.99 -1.73 30.75
C GLY B 494 -1.65 -0.40 31.03
N GLY B 495 -0.98 0.69 30.64
CA GLY B 495 -1.54 2.01 30.77
C GLY B 495 -2.11 2.52 29.47
N PRO B 496 -2.01 3.82 29.24
CA PRO B 496 -2.53 4.38 28.00
C PRO B 496 -1.83 3.80 26.78
N ASN B 497 -2.61 3.73 25.72
CA ASN B 497 -2.15 3.04 24.51
C ASN B 497 -0.95 3.70 23.86
N ILE B 498 -0.65 4.97 24.10
CA ILE B 498 0.42 5.66 23.40
C ILE B 498 1.79 5.10 23.81
N ALA B 499 1.93 4.64 25.05
CA ALA B 499 3.20 4.07 25.48
C ALA B 499 3.54 2.82 24.68
N ARG B 500 2.63 1.85 24.60
CA ARG B 500 2.88 0.68 23.73
C ARG B 500 3.17 1.19 22.34
N GLU B 501 2.28 1.96 21.75
CA GLU B 501 2.48 2.31 20.35
C GLU B 501 3.88 2.86 20.11
N PHE B 502 4.35 3.75 21.00
CA PHE B 502 5.67 4.35 20.80
C PHE B 502 6.77 3.34 21.02
N TYR B 503 6.62 2.43 21.99
CA TYR B 503 7.63 1.40 22.18
C TYR B 503 7.72 0.50 20.96
N VAL B 504 6.58 0.12 20.41
CA VAL B 504 6.59 -0.72 19.21
C VAL B 504 7.23 0.02 18.05
N ASN B 505 6.93 1.31 17.90
CA ASN B 505 7.54 2.07 16.81
C ASN B 505 9.06 2.15 16.96
N LEU B 506 9.53 2.41 18.19
CA LEU B 506 10.97 2.51 18.39
C LEU B 506 11.67 1.17 18.17
N MET B 507 11.06 0.08 18.61
CA MET B 507 11.66 -1.24 18.35
C MET B 507 11.62 -1.57 16.86
N HIS B 508 10.62 -1.06 16.14
CA HIS B 508 10.58 -1.23 14.69
C HIS B 508 11.71 -0.46 14.03
N ILE B 509 12.02 0.73 14.54
CA ILE B 509 13.13 1.51 13.98
C ILE B 509 14.45 0.78 14.17
N ALA B 510 14.67 0.26 15.37
CA ALA B 510 15.93 -0.42 15.68
C ALA B 510 16.02 -1.83 15.14
N GLY B 511 14.94 -2.34 14.55
CA GLY B 511 14.94 -3.70 14.04
C GLY B 511 15.15 -4.74 15.11
N LEU B 512 14.67 -4.47 16.32
CA LEU B 512 14.84 -5.38 17.46
C LEU B 512 13.54 -6.07 17.83
N LEU B 513 12.44 -5.78 17.13
CA LEU B 513 11.13 -6.26 17.54
C LEU B 513 10.96 -7.77 17.37
N ASN B 514 11.79 -8.42 16.55
CA ASN B 514 11.72 -9.87 16.47
C ASN B 514 12.19 -10.53 17.76
N LEU B 515 13.31 -10.06 18.31
CA LEU B 515 13.79 -10.61 19.57
C LEU B 515 12.83 -10.33 20.71
N GLU B 516 12.26 -9.12 20.75
CA GLU B 516 11.25 -8.81 21.76
C GLU B 516 10.01 -9.67 21.58
N ARG B 517 9.63 -9.94 20.33
CA ARG B 517 8.50 -10.82 20.07
C ARG B 517 8.75 -12.21 20.63
N GLN B 518 9.96 -12.74 20.39
CA GLN B 518 10.30 -14.04 20.94
C GLN B 518 10.30 -14.02 22.47
N LYS B 519 10.80 -12.94 23.06
CA LYS B 519 10.82 -12.83 24.51
C LYS B 519 9.41 -12.83 25.08
N ILE B 520 8.51 -12.05 24.49
CA ILE B 520 7.13 -12.00 24.97
C ILE B 520 6.43 -13.33 24.76
N LYS B 521 6.69 -13.96 23.62
CA LYS B 521 6.06 -15.29 23.44
C LYS B 521 6.55 -16.14 24.61
N GLU B 522 7.86 -16.29 24.78
CA GLU B 522 8.35 -17.19 25.84
C GLU B 522 7.69 -16.87 27.17
N LEU B 523 7.56 -15.58 27.49
CA LEU B 523 6.90 -15.20 28.74
C LEU B 523 5.46 -15.68 28.77
N ILE B 524 4.76 -15.58 27.64
CA ILE B 524 3.38 -16.04 27.57
C ILE B 524 3.31 -17.55 27.75
N ASN B 525 4.19 -18.28 27.06
CA ASN B 525 4.18 -19.74 27.12
C ASN B 525 4.69 -20.28 28.45
N VAL B 526 5.30 -19.44 29.29
CA VAL B 526 5.75 -19.91 30.60
C VAL B 526 4.55 -20.34 31.45
N SER B 527 3.50 -19.52 31.49
CA SER B 527 2.34 -19.83 32.32
C SER B 527 1.04 -19.71 31.53
N GLY B 528 -0.10 -19.75 32.22
CA GLY B 528 -1.38 -19.77 31.55
C GLY B 528 -2.04 -18.41 31.37
N ALA B 529 -3.17 -18.20 32.03
CA ALA B 529 -3.91 -16.96 31.87
C ALA B 529 -3.13 -15.78 32.44
N LYS B 530 -3.19 -14.65 31.73
CA LYS B 530 -2.45 -13.45 32.11
C LYS B 530 -3.28 -12.23 31.76
N ASP B 531 -2.63 -11.07 31.73
CA ASP B 531 -3.29 -9.79 31.59
C ASP B 531 -3.44 -9.40 30.12
N GLU B 532 -4.12 -8.27 29.91
CA GLU B 532 -4.45 -7.79 28.57
C GLU B 532 -3.28 -7.10 27.89
N GLY B 533 -2.39 -6.48 28.67
CA GLY B 533 -1.36 -5.64 28.10
C GLY B 533 -0.39 -6.40 27.23
N ILE B 534 0.06 -7.56 27.70
CA ILE B 534 0.99 -8.36 26.91
C ILE B 534 0.34 -8.83 25.62
N LEU B 535 -0.93 -9.24 25.69
CA LEU B 535 -1.60 -9.71 24.48
C LEU B 535 -1.74 -8.59 23.46
N GLN B 536 -2.12 -7.39 23.91
CA GLN B 536 -2.26 -6.28 22.98
C GLN B 536 -0.90 -5.87 22.40
N THR B 537 0.14 -5.86 23.22
CA THR B 537 1.47 -5.53 22.71
C THR B 537 1.93 -6.55 21.69
N LEU B 538 1.71 -7.84 21.95
CA LEU B 538 2.12 -8.88 21.01
C LEU B 538 1.32 -8.78 19.71
N ALA B 539 0.03 -8.46 19.80
CA ALA B 539 -0.77 -8.29 18.59
C ALA B 539 -0.26 -7.12 17.76
N TYR B 540 0.07 -6.01 18.42
CA TYR B 540 0.58 -4.86 17.67
C TYR B 540 1.93 -5.18 17.03
N LEU B 541 2.80 -5.88 17.76
CA LEU B 541 4.08 -6.30 17.20
C LEU B 541 3.89 -7.20 15.99
N ASP B 542 2.95 -8.15 16.09
CA ASP B 542 2.66 -9.03 14.96
C ASP B 542 2.18 -8.23 13.76
N ILE B 543 1.32 -7.24 13.99
CA ILE B 543 0.87 -6.39 12.89
C ILE B 543 2.06 -5.69 12.26
N PHE B 544 2.99 -5.22 13.07
CA PHE B 544 4.14 -4.49 12.55
C PHE B 544 5.30 -5.40 12.12
N ALA B 545 5.19 -6.71 12.32
CA ALA B 545 6.18 -7.67 11.83
C ALA B 545 5.69 -8.44 10.62
N GLN B 546 4.57 -8.02 10.03
CA GLN B 546 3.98 -8.70 8.87
C GLN B 546 3.68 -10.17 9.17
N GLN B 547 3.14 -10.43 10.36
CA GLN B 547 2.66 -11.76 10.75
C GLN B 547 1.20 -11.58 11.13
N TYR B 548 0.31 -11.73 10.15
CA TYR B 548 -1.08 -11.33 10.29
C TYR B 548 -1.97 -12.41 10.89
N GLU B 549 -1.67 -13.68 10.65
CA GLU B 549 -2.53 -14.75 11.17
C GLU B 549 -2.50 -14.79 12.69
N GLU B 550 -1.31 -14.72 13.27
CA GLU B 550 -1.20 -14.72 14.73
C GLU B 550 -1.86 -13.47 15.32
N ALA B 551 -1.69 -12.32 14.67
CA ALA B 551 -2.32 -11.09 15.14
C ALA B 551 -3.84 -11.20 15.13
N TYR B 552 -4.40 -11.74 14.05
CA TYR B 552 -5.85 -11.88 13.96
C TYR B 552 -6.38 -12.86 15.00
N ALA B 553 -5.68 -13.98 15.21
CA ALA B 553 -6.09 -14.92 16.24
C ALA B 553 -6.04 -14.26 17.62
N LEU B 554 -4.98 -13.50 17.89
CA LEU B 554 -4.84 -12.86 19.20
C LEU B 554 -5.95 -11.83 19.41
N TYR B 555 -6.29 -11.07 18.36
CA TYR B 555 -7.33 -10.05 18.51
C TYR B 555 -8.70 -10.68 18.69
N ASN B 556 -8.98 -11.77 17.98
CA ASN B 556 -10.24 -12.48 18.20
C ASN B 556 -10.31 -13.02 19.62
N SER B 557 -9.19 -13.56 20.12
CA SER B 557 -9.17 -14.03 21.50
C SER B 557 -9.40 -12.89 22.48
N LEU B 558 -8.82 -11.72 22.20
CA LEU B 558 -9.01 -10.57 23.06
C LEU B 558 -10.48 -10.16 23.10
N ILE B 559 -11.13 -10.12 21.94
CA ILE B 559 -12.52 -9.68 21.87
C ILE B 559 -13.44 -10.68 22.55
N ASP B 560 -13.24 -11.97 22.29
CA ASP B 560 -14.17 -12.99 22.76
C ASP B 560 -13.84 -13.53 24.14
N ASP B 561 -12.69 -13.18 24.73
CA ASP B 561 -12.31 -13.69 26.03
C ASP B 561 -12.34 -12.61 27.11
N TYR B 562 -11.62 -11.52 26.90
CA TYR B 562 -11.70 -10.35 27.76
C TYR B 562 -12.60 -9.32 27.10
N GLY B 563 -12.68 -8.13 27.70
CA GLY B 563 -13.43 -7.06 27.10
C GLY B 563 -12.57 -6.24 26.15
N ALA B 564 -12.92 -6.23 24.87
CA ALA B 564 -12.15 -5.49 23.89
C ALA B 564 -13.06 -4.76 22.90
N LYS B 565 -14.27 -4.41 23.33
CA LYS B 565 -15.22 -3.72 22.47
C LYS B 565 -14.95 -2.21 22.46
N ASP B 566 -13.71 -1.88 22.11
CA ASP B 566 -13.27 -0.51 21.98
C ASP B 566 -13.03 -0.18 20.51
N THR B 567 -13.09 1.11 20.19
CA THR B 567 -12.90 1.53 18.81
C THR B 567 -11.51 1.17 18.31
N LYS B 568 -10.48 1.44 19.11
CA LYS B 568 -9.11 1.18 18.68
C LYS B 568 -8.85 -0.30 18.52
N THR B 569 -9.30 -1.11 19.48
CA THR B 569 -9.07 -2.55 19.40
C THR B 569 -9.77 -3.16 18.19
N LEU B 570 -11.01 -2.76 17.93
CA LEU B 570 -11.73 -3.28 16.78
C LEU B 570 -11.10 -2.82 15.48
N PHE B 571 -10.61 -1.58 15.45
CA PHE B 571 -9.91 -1.08 14.26
C PHE B 571 -8.65 -1.89 13.98
N LEU B 572 -7.88 -2.18 15.02
CA LEU B 572 -6.66 -2.95 14.84
C LEU B 572 -6.97 -4.40 14.46
N ALA B 573 -8.05 -4.96 15.01
CA ALA B 573 -8.47 -6.29 14.62
C ALA B 573 -8.88 -6.32 13.14
N ALA B 574 -9.56 -5.26 12.68
CA ALA B 574 -9.89 -5.18 11.27
C ALA B 574 -8.65 -5.07 10.41
N VAL B 575 -7.65 -4.32 10.87
CA VAL B 575 -6.38 -4.21 10.15
C VAL B 575 -5.74 -5.59 10.02
N ALA B 576 -5.70 -6.34 11.12
CA ALA B 576 -5.11 -7.68 11.09
C ALA B 576 -5.90 -8.61 10.18
N ALA B 577 -7.23 -8.53 10.22
CA ALA B 577 -8.05 -9.39 9.38
C ALA B 577 -7.84 -9.07 7.90
N ILE B 578 -7.72 -7.79 7.56
CA ILE B 578 -7.42 -7.42 6.18
C ILE B 578 -6.05 -7.95 5.78
N GLY B 579 -5.09 -7.90 6.71
CA GLY B 579 -3.79 -8.48 6.43
C GLY B 579 -3.84 -9.97 6.19
N ALA B 580 -4.73 -10.68 6.88
CA ALA B 580 -4.83 -12.13 6.79
C ALA B 580 -5.82 -12.59 5.72
N ASN B 581 -6.26 -11.68 4.85
CA ASN B 581 -7.19 -12.00 3.76
C ASN B 581 -8.52 -12.54 4.28
N ASN B 582 -9.20 -11.71 5.06
CA ASN B 582 -10.54 -12.00 5.56
C ASN B 582 -11.42 -10.76 5.39
N PRO B 583 -11.87 -10.42 4.15
CA PRO B 583 -12.64 -9.20 3.95
C PRO B 583 -13.99 -9.26 4.68
N ASN B 584 -14.59 -10.44 4.81
CA ASN B 584 -15.92 -10.50 5.41
C ASN B 584 -15.88 -10.12 6.88
N SER B 585 -14.90 -10.61 7.64
CA SER B 585 -14.79 -10.26 9.04
C SER B 585 -14.40 -8.80 9.23
N ALA B 586 -13.61 -8.26 8.32
CA ALA B 586 -13.19 -6.87 8.42
C ALA B 586 -14.39 -5.93 8.36
N ILE B 587 -15.37 -6.27 7.52
CA ILE B 587 -16.55 -5.41 7.40
C ILE B 587 -17.30 -5.34 8.73
N ALA B 588 -17.52 -6.50 9.35
CA ALA B 588 -18.24 -6.51 10.62
C ALA B 588 -17.46 -5.79 11.71
N LEU B 589 -16.15 -6.04 11.78
CA LEU B 589 -15.34 -5.37 12.80
C LEU B 589 -15.33 -3.86 12.60
N LEU B 590 -15.24 -3.39 11.36
CA LEU B 590 -15.19 -1.96 11.10
C LEU B 590 -16.55 -1.31 11.36
N GLN B 591 -17.64 -2.01 11.04
CA GLN B 591 -18.96 -1.47 11.39
C GLN B 591 -19.12 -1.33 12.89
N LEU B 592 -18.69 -2.36 13.64
CA LEU B 592 -18.77 -2.28 15.10
C LEU B 592 -17.88 -1.17 15.64
N SER B 593 -16.73 -0.94 15.02
CA SER B 593 -15.87 0.15 15.48
C SER B 593 -16.49 1.50 15.19
N LYS B 594 -17.06 1.68 13.99
CA LYS B 594 -17.65 2.94 13.60
C LYS B 594 -18.93 3.25 14.37
N LEU B 595 -19.58 2.23 14.94
CA LEU B 595 -20.81 2.47 15.67
C LEU B 595 -20.64 3.50 16.78
N THR B 596 -19.45 3.58 17.39
CA THR B 596 -19.19 4.58 18.41
C THR B 596 -18.57 5.84 17.82
N ASP B 597 -17.41 5.72 17.18
CA ASP B 597 -16.75 6.83 16.52
C ASP B 597 -17.31 6.93 15.11
N LYS B 598 -18.42 7.66 14.97
CA LYS B 598 -19.11 7.73 13.68
C LYS B 598 -18.26 8.43 12.64
N ASN B 599 -17.65 9.55 12.99
CA ASN B 599 -16.88 10.34 12.02
C ASN B 599 -15.40 9.96 12.14
N ASN B 600 -15.12 8.73 11.75
CA ASN B 600 -13.75 8.23 11.64
C ASN B 600 -13.40 8.15 10.16
N LYS B 601 -12.47 8.99 9.72
CA LYS B 601 -12.22 9.14 8.30
C LYS B 601 -11.48 7.95 7.72
N GLU B 602 -10.76 7.19 8.54
CA GLU B 602 -10.02 6.03 8.06
C GLU B 602 -10.87 4.77 8.01
N SER B 603 -11.84 4.63 8.91
CA SER B 603 -12.71 3.46 8.86
C SER B 603 -13.65 3.51 7.66
N LYS B 604 -14.11 4.71 7.29
CA LYS B 604 -15.06 4.85 6.19
C LYS B 604 -14.44 4.44 4.86
N ALA B 605 -13.22 4.88 4.58
CA ALA B 605 -12.56 4.51 3.34
C ALA B 605 -12.33 3.01 3.26
N ALA B 606 -11.90 2.40 4.36
CA ALA B 606 -11.70 0.95 4.37
C ALA B 606 -13.01 0.22 4.15
N LEU B 607 -14.09 0.69 4.77
CA LEU B 607 -15.39 0.06 4.57
C LEU B 607 -15.83 0.16 3.12
N GLY B 608 -15.63 1.32 2.49
CA GLY B 608 -15.98 1.45 1.09
C GLY B 608 -15.18 0.50 0.21
N MET B 609 -13.88 0.41 0.44
CA MET B 609 -13.05 -0.49 -0.34
C MET B 609 -13.46 -1.94 -0.15
N LEU B 610 -13.73 -2.34 1.09
CA LEU B 610 -14.15 -3.72 1.36
C LEU B 610 -15.48 -4.02 0.70
N TYR B 611 -16.42 -3.09 0.75
CA TYR B 611 -17.69 -3.28 0.09
C TYR B 611 -17.52 -3.42 -1.42
N GLN B 612 -16.60 -2.65 -2.01
CA GLN B 612 -16.31 -2.82 -3.42
C GLN B 612 -15.70 -4.18 -3.72
N GLU B 613 -14.85 -4.68 -2.82
CA GLU B 613 -14.24 -5.99 -3.03
C GLU B 613 -15.26 -7.12 -2.97
N VAL B 614 -16.19 -7.05 -2.00
CA VAL B 614 -17.22 -8.08 -1.86
C VAL B 614 -18.29 -7.96 -2.94
N LYS B 615 -18.19 -6.94 -3.79
CA LYS B 615 -19.19 -6.63 -4.82
C LYS B 615 -20.54 -6.28 -4.19
N ASN B 616 -20.52 -5.21 -3.39
CA ASN B 616 -21.73 -4.59 -2.85
C ASN B 616 -21.61 -3.10 -3.16
N TYR B 617 -22.03 -2.73 -4.37
CA TYR B 617 -21.85 -1.35 -4.84
C TYR B 617 -22.93 -0.42 -4.34
N GLU B 618 -24.06 -0.94 -3.86
CA GLU B 618 -25.08 -0.08 -3.28
C GLU B 618 -24.57 0.60 -2.02
N ALA B 619 -23.83 -0.14 -1.18
CA ALA B 619 -23.28 0.41 0.04
C ALA B 619 -21.89 1.00 -0.13
N ALA B 620 -21.20 0.70 -1.23
CA ALA B 620 -19.87 1.25 -1.44
C ALA B 620 -19.94 2.75 -1.70
N ILE B 621 -20.92 3.19 -2.49
CA ILE B 621 -21.07 4.62 -2.75
C ILE B 621 -21.55 5.36 -1.51
N SER B 622 -22.30 4.69 -0.63
CA SER B 622 -22.80 5.35 0.57
C SER B 622 -21.65 5.81 1.46
N GLN B 623 -20.64 4.97 1.64
CA GLN B 623 -19.50 5.37 2.45
C GLN B 623 -18.60 6.38 1.75
N TYR B 624 -18.46 6.26 0.42
CA TYR B 624 -17.68 7.24 -0.33
C TYR B 624 -18.32 8.61 -0.34
N LYS B 625 -19.64 8.69 -0.21
CA LYS B 625 -20.34 9.97 -0.24
C LYS B 625 -20.07 10.81 1.00
N THR B 626 -19.46 10.24 2.04
CA THR B 626 -19.25 10.91 3.30
C THR B 626 -17.77 11.19 3.57
N LEU B 627 -16.99 11.45 2.52
CA LEU B 627 -15.57 11.71 2.66
C LEU B 627 -15.18 12.96 1.90
N PRO B 628 -14.06 13.62 2.30
CA PRO B 628 -13.64 14.83 1.64
C PRO B 628 -12.96 14.53 0.32
N ASN B 629 -12.57 15.58 -0.38
CA ASN B 629 -11.90 15.47 -1.68
C ASN B 629 -10.39 15.37 -1.54
N ASN B 630 -9.85 15.39 -0.33
CA ASN B 630 -8.41 15.28 -0.10
C ASN B 630 -8.20 14.47 1.17
N PHE B 631 -7.96 13.17 1.00
CA PHE B 631 -7.77 12.30 2.16
C PHE B 631 -6.97 11.08 1.70
N LYS B 632 -5.75 10.94 2.21
CA LYS B 632 -4.90 9.80 1.93
C LYS B 632 -4.85 8.93 3.17
N SER B 633 -5.43 7.73 3.07
CA SER B 633 -5.44 6.81 4.20
C SER B 633 -4.03 6.31 4.47
N GLU B 634 -3.62 6.37 5.73
CA GLU B 634 -2.30 5.92 6.13
C GLU B 634 -2.27 4.46 6.54
N PHE B 635 -3.37 3.75 6.39
CA PHE B 635 -3.47 2.35 6.81
C PHE B 635 -3.90 1.39 5.72
N PHE B 636 -4.67 1.84 4.73
CA PHE B 636 -5.28 0.94 3.77
C PHE B 636 -5.05 1.43 2.34
N THR B 637 -4.93 0.48 1.43
CA THR B 637 -4.84 0.76 0.00
C THR B 637 -5.46 -0.43 -0.72
N PHE B 638 -5.49 -0.40 -2.05
CA PHE B 638 -6.08 -1.49 -2.81
C PHE B 638 -5.23 -1.81 -4.03
N ASP B 639 -5.27 -3.06 -4.44
CA ASP B 639 -4.54 -3.55 -5.61
C ASP B 639 -5.50 -4.31 -6.51
N ILE B 640 -5.19 -4.31 -7.81
CA ILE B 640 -6.08 -4.93 -8.79
C ILE B 640 -5.85 -6.42 -8.82
N ASN B 641 -6.92 -7.19 -8.68
CA ASN B 641 -6.87 -8.64 -8.69
C ASN B 641 -7.04 -9.13 -10.13
N ASN B 642 -5.99 -9.74 -10.67
CA ASN B 642 -5.98 -10.15 -12.08
C ASN B 642 -6.26 -11.64 -12.26
N ASN B 643 -6.65 -12.33 -11.21
CA ASN B 643 -6.97 -13.76 -11.32
C ASN B 643 -8.28 -14.09 -10.62
#